data_1NZG
# 
_entry.id   1NZG 
# 
_audit_conform.dict_name       mmcif_pdbx.dic 
_audit_conform.dict_version    5.386 
_audit_conform.dict_location   http://mmcif.pdb.org/dictionaries/ascii/mmcif_pdbx.dic 
# 
loop_
_database_2.database_id 
_database_2.database_code 
_database_2.pdbx_database_accession 
_database_2.pdbx_DOI 
PDB   1NZG         pdb_00001nzg 10.2210/pdb1nzg/pdb 
NDB   AD0029       ?            ?                   
RCSB  RCSB018385   ?            ?                   
WWPDB D_1000018385 ?            ?                   
# 
loop_
_pdbx_audit_revision_history.ordinal 
_pdbx_audit_revision_history.data_content_type 
_pdbx_audit_revision_history.major_revision 
_pdbx_audit_revision_history.minor_revision 
_pdbx_audit_revision_history.revision_date 
1 'Structure model' 1 0 2003-08-26 
2 'Structure model' 1 1 2008-04-29 
3 'Structure model' 1 2 2011-07-13 
4 'Structure model' 1 3 2011-11-02 
5 'Structure model' 1 4 2024-02-14 
# 
_pdbx_audit_revision_details.ordinal             1 
_pdbx_audit_revision_details.revision_ordinal    1 
_pdbx_audit_revision_details.data_content_type   'Structure model' 
_pdbx_audit_revision_details.provider            repository 
_pdbx_audit_revision_details.type                'Initial release' 
_pdbx_audit_revision_details.description         ? 
_pdbx_audit_revision_details.details             ? 
# 
loop_
_pdbx_audit_revision_group.ordinal 
_pdbx_audit_revision_group.revision_ordinal 
_pdbx_audit_revision_group.data_content_type 
_pdbx_audit_revision_group.group 
1 2 'Structure model' 'Version format compliance' 
2 3 'Structure model' 'Version format compliance' 
3 4 'Structure model' 'Non-polymer description'   
4 5 'Structure model' 'Data collection'           
5 5 'Structure model' 'Database references'       
6 5 'Structure model' 'Derived calculations'      
# 
loop_
_pdbx_audit_revision_category.ordinal 
_pdbx_audit_revision_category.revision_ordinal 
_pdbx_audit_revision_category.data_content_type 
_pdbx_audit_revision_category.category 
1 5 'Structure model' chem_comp_atom 
2 5 'Structure model' chem_comp_bond 
3 5 'Structure model' database_2     
4 5 'Structure model' struct_conn    
# 
loop_
_pdbx_audit_revision_item.ordinal 
_pdbx_audit_revision_item.revision_ordinal 
_pdbx_audit_revision_item.data_content_type 
_pdbx_audit_revision_item.item 
1  5 'Structure model' '_database_2.pdbx_DOI'                
2  5 'Structure model' '_database_2.pdbx_database_accession' 
3  5 'Structure model' '_struct_conn.pdbx_dist_value'        
4  5 'Structure model' '_struct_conn.pdbx_leaving_atom_flag' 
5  5 'Structure model' '_struct_conn.ptnr1_auth_asym_id'     
6  5 'Structure model' '_struct_conn.ptnr1_auth_comp_id'     
7  5 'Structure model' '_struct_conn.ptnr1_auth_seq_id'      
8  5 'Structure model' '_struct_conn.ptnr1_label_asym_id'    
9  5 'Structure model' '_struct_conn.ptnr1_label_comp_id'    
10 5 'Structure model' '_struct_conn.ptnr1_label_seq_id'     
11 5 'Structure model' '_struct_conn.ptnr2_auth_asym_id'     
12 5 'Structure model' '_struct_conn.ptnr2_auth_comp_id'     
13 5 'Structure model' '_struct_conn.ptnr2_auth_seq_id'      
14 5 'Structure model' '_struct_conn.ptnr2_label_asym_id'    
15 5 'Structure model' '_struct_conn.ptnr2_label_comp_id'    
16 5 'Structure model' '_struct_conn.ptnr2_label_seq_id'     
# 
_pdbx_database_status.status_code                     REL 
_pdbx_database_status.entry_id                        1NZG 
_pdbx_database_status.recvd_initial_deposition_date   2003-02-17 
_pdbx_database_status.deposit_site                    RCSB 
_pdbx_database_status.process_site                    RCSB 
_pdbx_database_status.status_code_sf                  REL 
_pdbx_database_status.SG_entry                        . 
_pdbx_database_status.status_code_mr                  ? 
_pdbx_database_status.status_code_cs                  ? 
_pdbx_database_status.pdb_format_compatible           Y 
_pdbx_database_status.status_code_nmr_data            ? 
_pdbx_database_status.methods_development_category    ? 
# 
loop_
_audit_author.name 
_audit_author.pdbx_ordinal 
'Prhavc, M.'    1 
'Prakash, T.P.' 2 
'Minasov, G.'   3 
'Egli, M.'      4 
'Manoharan, M.' 5 
# 
_citation.id                        primary 
_citation.title                     
;2'-O-[2-[2-(N,N-dimethylamino)ethoxy]ethyl] modified oligonucleotides: symbiosis of charge interaction factors and stereoelectronic effects
;
_citation.journal_abbrev            Org.Lett. 
_citation.journal_volume            5 
_citation.page_first                2017 
_citation.page_last                 2020 
_citation.year                      2003 
_citation.journal_id_ASTM           ? 
_citation.country                   US 
_citation.journal_id_ISSN           1523-7060 
_citation.journal_id_CSD            ? 
_citation.book_publisher            ? 
_citation.pdbx_database_id_PubMed   12790517 
_citation.pdbx_database_id_DOI      10.1021/ol0340991 
# 
loop_
_citation_author.citation_id 
_citation_author.name 
_citation_author.ordinal 
_citation_author.identifier_ORCID 
primary 'Prhavc, M.'    1 ? 
primary 'Prakash, T.P.' 2 ? 
primary 'Minasov, G.'   3 ? 
primary 'Cook, P.D.'    4 ? 
primary 'Egli, M.'      5 ? 
primary 'Manoharan, M.' 6 ? 
# 
loop_
_entity.id 
_entity.type 
_entity.src_method 
_entity.pdbx_description 
_entity.formula_weight 
_entity.pdbx_number_of_molecules 
_entity.pdbx_ec 
_entity.pdbx_mutation 
_entity.pdbx_fragment 
_entity.details 
1 polymer syn "5'-D(*GP*CP*GP*TP*AP*(3ME)P*AP*CP*GP*C)-3'" 3176.178 2   ? ? ? ? 
2 water   nat water                                        18.015   101 ? ? ? ? 
# 
_entity_poly.entity_id                      1 
_entity_poly.type                           polydeoxyribonucleotide 
_entity_poly.nstd_linkage                   no 
_entity_poly.nstd_monomer                   yes 
_entity_poly.pdbx_seq_one_letter_code       '(DG)(DC)(DG)(DT)(DA)(3ME)(DA)(DC)(DG)(DC)' 
_entity_poly.pdbx_seq_one_letter_code_can   GCGTAUACGC 
_entity_poly.pdbx_strand_id                 A,B 
_entity_poly.pdbx_target_identifier         ? 
# 
_pdbx_entity_nonpoly.entity_id   2 
_pdbx_entity_nonpoly.name        water 
_pdbx_entity_nonpoly.comp_id     HOH 
# 
loop_
_entity_poly_seq.entity_id 
_entity_poly_seq.num 
_entity_poly_seq.mon_id 
_entity_poly_seq.hetero 
1 1  DG  n 
1 2  DC  n 
1 3  DG  n 
1 4  DT  n 
1 5  DA  n 
1 6  3ME n 
1 7  DA  n 
1 8  DC  n 
1 9  DG  n 
1 10 DC  n 
# 
loop_
_chem_comp.id 
_chem_comp.type 
_chem_comp.mon_nstd_flag 
_chem_comp.name 
_chem_comp.pdbx_synonyms 
_chem_comp.formula 
_chem_comp.formula_weight 
3ME 'RNA linking' n 
;2'-O-{2-[2-(dimethylamino)ethoxy]ethyl}-5-methyluridine 5'-(dihydrogen phosphate)
;
? 'C16 H28 N3 O10 P' 453.381 
DA  'DNA linking' y "2'-DEOXYADENOSINE-5'-MONOPHOSPHATE"                                                ? 'C10 H14 N5 O6 P'  
331.222 
DC  'DNA linking' y "2'-DEOXYCYTIDINE-5'-MONOPHOSPHATE"                                                 ? 'C9 H14 N3 O7 P'   
307.197 
DG  'DNA linking' y "2'-DEOXYGUANOSINE-5'-MONOPHOSPHATE"                                                ? 'C10 H14 N5 O7 P'  
347.221 
DT  'DNA linking' y "THYMIDINE-5'-MONOPHOSPHATE"                                                        ? 'C10 H15 N2 O8 P'  
322.208 
HOH non-polymer   . WATER                                                                               ? 'H2 O'             
18.015  
# 
loop_
_pdbx_poly_seq_scheme.asym_id 
_pdbx_poly_seq_scheme.entity_id 
_pdbx_poly_seq_scheme.seq_id 
_pdbx_poly_seq_scheme.mon_id 
_pdbx_poly_seq_scheme.ndb_seq_num 
_pdbx_poly_seq_scheme.pdb_seq_num 
_pdbx_poly_seq_scheme.auth_seq_num 
_pdbx_poly_seq_scheme.pdb_mon_id 
_pdbx_poly_seq_scheme.auth_mon_id 
_pdbx_poly_seq_scheme.pdb_strand_id 
_pdbx_poly_seq_scheme.pdb_ins_code 
_pdbx_poly_seq_scheme.hetero 
A 1 1  DG  1  1  1  DG  G   A . n 
A 1 2  DC  2  2  2  DC  C   A . n 
A 1 3  DG  3  3  3  DG  G   A . n 
A 1 4  DT  4  4  4  DT  T   A . n 
A 1 5  DA  5  5  5  DA  A   A . n 
A 1 6  3ME 6  6  6  3ME 3ME A . n 
A 1 7  DA  7  7  7  DA  A   A . n 
A 1 8  DC  8  8  8  DC  C   A . n 
A 1 9  DG  9  9  9  DG  G   A . n 
A 1 10 DC  10 10 10 DC  C   A . n 
B 1 1  DG  1  11 11 DG  G   B . n 
B 1 2  DC  2  12 12 DC  C   B . n 
B 1 3  DG  3  13 13 DG  G   B . n 
B 1 4  DT  4  14 14 DT  T   B . n 
B 1 5  DA  5  15 15 DA  A   B . n 
B 1 6  3ME 6  16 16 3ME 3ME B . n 
B 1 7  DA  7  17 17 DA  A   B . n 
B 1 8  DC  8  18 18 DC  C   B . n 
B 1 9  DG  9  19 19 DG  G   B . n 
B 1 10 DC  10 20 20 DC  C   B . n 
# 
loop_
_pdbx_nonpoly_scheme.asym_id 
_pdbx_nonpoly_scheme.entity_id 
_pdbx_nonpoly_scheme.mon_id 
_pdbx_nonpoly_scheme.ndb_seq_num 
_pdbx_nonpoly_scheme.pdb_seq_num 
_pdbx_nonpoly_scheme.auth_seq_num 
_pdbx_nonpoly_scheme.pdb_mon_id 
_pdbx_nonpoly_scheme.auth_mon_id 
_pdbx_nonpoly_scheme.pdb_strand_id 
_pdbx_nonpoly_scheme.pdb_ins_code 
C 2 HOH 1  101 101 HOH HOH A . 
C 2 HOH 2  102 102 HOH HOH A . 
C 2 HOH 3  104 104 HOH HOH A . 
C 2 HOH 4  106 106 HOH HOH A . 
C 2 HOH 5  108 108 HOH HOH A . 
C 2 HOH 6  109 109 HOH HOH A . 
C 2 HOH 7  111 111 HOH HOH A . 
C 2 HOH 8  112 112 HOH HOH A . 
C 2 HOH 9  113 113 HOH HOH A . 
C 2 HOH 10 114 114 HOH HOH A . 
C 2 HOH 11 115 115 HOH HOH A . 
C 2 HOH 12 116 116 HOH HOH A . 
C 2 HOH 13 118 118 HOH HOH A . 
C 2 HOH 14 119 119 HOH HOH A . 
C 2 HOH 15 120 120 HOH HOH A . 
C 2 HOH 16 121 121 HOH HOH A . 
C 2 HOH 17 123 123 HOH HOH A . 
C 2 HOH 18 126 126 HOH HOH A . 
C 2 HOH 19 127 127 HOH HOH A . 
C 2 HOH 20 128 128 HOH HOH A . 
C 2 HOH 21 131 131 HOH HOH A . 
C 2 HOH 22 133 133 HOH HOH A . 
C 2 HOH 23 134 134 HOH HOH A . 
C 2 HOH 24 135 135 HOH HOH A . 
C 2 HOH 25 136 136 HOH HOH A . 
C 2 HOH 26 138 138 HOH HOH A . 
C 2 HOH 27 142 142 HOH HOH A . 
C 2 HOH 28 143 143 HOH HOH A . 
C 2 HOH 29 144 144 HOH HOH A . 
C 2 HOH 30 145 145 HOH HOH A . 
C 2 HOH 31 148 148 HOH HOH A . 
C 2 HOH 32 149 149 HOH HOH A . 
C 2 HOH 33 150 150 HOH HOH A . 
C 2 HOH 34 151 151 HOH HOH A . 
C 2 HOH 35 152 152 HOH HOH A . 
C 2 HOH 36 153 153 HOH HOH A . 
C 2 HOH 37 154 154 HOH HOH A . 
C 2 HOH 38 159 159 HOH HOH A . 
C 2 HOH 39 160 160 HOH HOH A . 
C 2 HOH 40 161 161 HOH HOH A . 
C 2 HOH 41 163 163 HOH HOH A . 
C 2 HOH 42 164 164 HOH HOH A . 
C 2 HOH 43 165 165 HOH HOH A . 
C 2 HOH 44 166 166 HOH HOH A . 
C 2 HOH 45 167 167 HOH HOH A . 
C 2 HOH 46 168 168 HOH HOH A . 
C 2 HOH 47 169 169 HOH HOH A . 
C 2 HOH 48 173 173 HOH HOH A . 
C 2 HOH 49 175 175 HOH HOH A . 
C 2 HOH 50 177 177 HOH HOH A . 
C 2 HOH 51 178 178 HOH HOH A . 
C 2 HOH 52 180 180 HOH HOH A . 
C 2 HOH 53 184 184 HOH HOH A . 
C 2 HOH 54 186 186 HOH HOH A . 
C 2 HOH 55 187 187 HOH HOH A . 
C 2 HOH 56 191 191 HOH HOH A . 
C 2 HOH 57 195 195 HOH HOH A . 
C 2 HOH 58 196 196 HOH HOH A . 
C 2 HOH 59 197 197 HOH HOH A . 
C 2 HOH 60 199 199 HOH HOH A . 
C 2 HOH 61 201 201 HOH HOH A . 
C 2 HOH 62 204 204 HOH HOH A . 
D 2 HOH 1  103 103 HOH HOH B . 
D 2 HOH 2  105 105 HOH HOH B . 
D 2 HOH 3  107 107 HOH HOH B . 
D 2 HOH 4  110 110 HOH HOH B . 
D 2 HOH 5  117 117 HOH HOH B . 
D 2 HOH 6  122 122 HOH HOH B . 
D 2 HOH 7  125 125 HOH HOH B . 
D 2 HOH 8  129 129 HOH HOH B . 
D 2 HOH 9  130 130 HOH HOH B . 
D 2 HOH 10 132 132 HOH HOH B . 
D 2 HOH 11 137 137 HOH HOH B . 
D 2 HOH 12 139 139 HOH HOH B . 
D 2 HOH 13 140 140 HOH HOH B . 
D 2 HOH 14 141 141 HOH HOH B . 
D 2 HOH 15 146 146 HOH HOH B . 
D 2 HOH 16 147 147 HOH HOH B . 
D 2 HOH 17 155 155 HOH HOH B . 
D 2 HOH 18 156 156 HOH HOH B . 
D 2 HOH 19 157 157 HOH HOH B . 
D 2 HOH 20 158 158 HOH HOH B . 
D 2 HOH 21 162 162 HOH HOH B . 
D 2 HOH 22 170 170 HOH HOH B . 
D 2 HOH 23 171 171 HOH HOH B . 
D 2 HOH 24 172 172 HOH HOH B . 
D 2 HOH 25 174 174 HOH HOH B . 
D 2 HOH 26 176 176 HOH HOH B . 
D 2 HOH 27 181 181 HOH HOH B . 
D 2 HOH 28 182 182 HOH HOH B . 
D 2 HOH 29 185 185 HOH HOH B . 
D 2 HOH 30 188 188 HOH HOH B . 
D 2 HOH 31 189 189 HOH HOH B . 
D 2 HOH 32 190 190 HOH HOH B . 
D 2 HOH 33 192 192 HOH HOH B . 
D 2 HOH 34 193 193 HOH HOH B . 
D 2 HOH 35 194 194 HOH HOH B . 
D 2 HOH 36 198 198 HOH HOH B . 
D 2 HOH 37 203 203 HOH HOH B . 
D 2 HOH 38 206 206 HOH HOH B . 
D 2 HOH 39 208 208 HOH HOH B . 
# 
loop_
_software.name 
_software.classification 
_software.version 
_software.citation_id 
_software.pdbx_ordinal 
DENZO     'data reduction' . ? 1 
SCALEPACK 'data scaling'   . ? 2 
AMoRE     phasing          . ? 3 
CNS       refinement       . ? 4 
# 
_cell.entry_id           1NZG 
_cell.length_a           25.260 
_cell.length_b           44.110 
_cell.length_c           45.530 
_cell.angle_alpha        90.00 
_cell.angle_beta         90.00 
_cell.angle_gamma        90.00 
_cell.Z_PDB              8 
_cell.pdbx_unique_axis   ? 
_cell.length_a_esd       ? 
_cell.length_b_esd       ? 
_cell.length_c_esd       ? 
_cell.angle_alpha_esd    ? 
_cell.angle_beta_esd     ? 
_cell.angle_gamma_esd    ? 
# 
_symmetry.entry_id                         1NZG 
_symmetry.space_group_name_H-M             'P 21 21 21' 
_symmetry.pdbx_full_space_group_name_H-M   ? 
_symmetry.cell_setting                     ? 
_symmetry.Int_Tables_number                19 
_symmetry.space_group_name_Hall            ? 
# 
_exptl.entry_id          1NZG 
_exptl.method            'X-RAY DIFFRACTION' 
_exptl.crystals_number   1 
# 
_exptl_crystal.id                    1 
_exptl_crystal.density_meas          ? 
_exptl_crystal.density_Matthews      1.71 
_exptl_crystal.density_percent_sol   27.47 
_exptl_crystal.description           ? 
_exptl_crystal.F_000                 ? 
_exptl_crystal.preparation           ? 
# 
_exptl_crystal_grow.crystal_id      1 
_exptl_crystal_grow.method          'VAPOR DIFFUSION, HANGING DROP' 
_exptl_crystal_grow.temp            295.0 
_exptl_crystal_grow.temp_details    ? 
_exptl_crystal_grow.pH              6.0 
_exptl_crystal_grow.pdbx_details    
'MPD, Sodium Cacodylate, Spermine, Sodium Chloride, pH 6.0, VAPOR DIFFUSION, HANGING DROP, temperature 295.0K' 
_exptl_crystal_grow.pdbx_pH_range   . 
# 
loop_
_exptl_crystal_grow_comp.crystal_id 
_exptl_crystal_grow_comp.id 
_exptl_crystal_grow_comp.sol_id 
_exptl_crystal_grow_comp.name 
_exptl_crystal_grow_comp.volume 
_exptl_crystal_grow_comp.conc 
_exptl_crystal_grow_comp.details 
1 1 1 MPD                 ? ? ? 
1 2 1 'Sodium Cacodylate' ? ? ? 
1 3 1 Spermine            ? ? ? 
1 4 1 'Sodium Chloride'   ? ? ? 
1 5 2 MPD                 ? ? ? 
1 6 2 'Sodium Chloride'   ? ? ? 
# 
_diffrn.id                     1 
_diffrn.ambient_temp           100.0 
_diffrn.ambient_temp_details   ? 
_diffrn.crystal_id             1 
# 
_diffrn_detector.diffrn_id              1 
_diffrn_detector.detector               CCD 
_diffrn_detector.type                   MARRESEARCH 
_diffrn_detector.pdbx_collection_date   1999-06-08 
_diffrn_detector.details                Mirrors 
# 
_diffrn_radiation.diffrn_id                        1 
_diffrn_radiation.wavelength_id                    1 
_diffrn_radiation.pdbx_monochromatic_or_laue_m_l   M 
_diffrn_radiation.monochromator                    Graphite 
_diffrn_radiation.pdbx_diffrn_protocol             'SINGLE WAVELENGTH' 
_diffrn_radiation.pdbx_scattering_type             x-ray 
# 
_diffrn_radiation_wavelength.id           1 
_diffrn_radiation_wavelength.wavelength   1.00000 
_diffrn_radiation_wavelength.wt           1.0 
# 
_diffrn_source.diffrn_id                   1 
_diffrn_source.source                      SYNCHROTRON 
_diffrn_source.type                        'APS BEAMLINE 5ID-B' 
_diffrn_source.pdbx_synchrotron_site       APS 
_diffrn_source.pdbx_synchrotron_beamline   5ID-B 
_diffrn_source.pdbx_wavelength             ? 
_diffrn_source.pdbx_wavelength_list        1.00000 
# 
_reflns.entry_id                     1NZG 
_reflns.observed_criterion_sigma_F   ? 
_reflns.observed_criterion_sigma_I   -3.0 
_reflns.d_resolution_high            1.60 
_reflns.d_resolution_low             20.0 
_reflns.number_all                   7031 
_reflns.number_obs                   7031 
_reflns.percent_possible_obs         97.6 
_reflns.pdbx_Rmerge_I_obs            0.063 
_reflns.pdbx_Rsym_value              ? 
_reflns.pdbx_netI_over_sigmaI        22.9 
_reflns.B_iso_Wilson_estimate        ? 
_reflns.pdbx_redundancy              8.2 
_reflns.R_free_details               ? 
_reflns.pdbx_ordinal                 1 
_reflns.pdbx_diffrn_id               1 
_reflns.pdbx_chi_squared             ? 
_reflns.pdbx_scaling_rejects         ? 
# 
_reflns_shell.d_res_high             1.60 
_reflns_shell.d_res_low              1.66 
_reflns_shell.percent_possible_all   82.9 
_reflns_shell.Rmerge_I_obs           0.182 
_reflns_shell.pdbx_Rsym_value        ? 
_reflns_shell.meanI_over_sigI_obs    6.5 
_reflns_shell.pdbx_redundancy        4.9 
_reflns_shell.percent_possible_obs   ? 
_reflns_shell.number_unique_all      575 
_reflns_shell.pdbx_ordinal           1 
_reflns_shell.pdbx_diffrn_id         1 
_reflns_shell.number_measured_all    ? 
_reflns_shell.number_measured_obs    ? 
_reflns_shell.number_unique_obs      ? 
_reflns_shell.pdbx_chi_squared       ? 
# 
_refine.entry_id                                 1NZG 
_refine.ls_d_res_high                            1.60 
_refine.ls_d_res_low                             20.0 
_refine.pdbx_ls_sigma_F                          0.0 
_refine.pdbx_ls_sigma_I                          0.0 
_refine.ls_number_reflns_all                     7114 
_refine.ls_number_reflns_obs                     6676 
_refine.ls_number_reflns_R_free                  687 
_refine.ls_percent_reflns_obs                    93.8 
_refine.ls_R_factor_all                          ? 
_refine.ls_R_factor_obs                          ? 
_refine.ls_R_factor_R_work                       0.192 
_refine.ls_R_factor_R_free                       0.224 
_refine.ls_redundancy_reflns_obs                 ? 
_refine.pdbx_data_cutoff_high_absF               ? 
_refine.pdbx_data_cutoff_low_absF                ? 
_refine.ls_number_parameters                     ? 
_refine.ls_number_restraints                     ? 
_refine.ls_percent_reflns_R_free                 ? 
_refine.ls_R_factor_R_free_error                 ? 
_refine.ls_R_factor_R_free_error_details         ? 
_refine.pdbx_method_to_determine_struct          'MOLECULAR REPLACEMENT' 
_refine.pdbx_starting_model                      ? 
_refine.pdbx_ls_cross_valid_method               THROUGHOUT 
_refine.pdbx_R_Free_selection_details            Random 
_refine.pdbx_stereochem_target_val_spec_case     ? 
_refine.pdbx_stereochemistry_target_values       'PARKINSON ET AL.' 
_refine.solvent_model_details                    ? 
_refine.solvent_model_param_bsol                 ? 
_refine.solvent_model_param_ksol                 ? 
_refine.occupancy_max                            ? 
_refine.occupancy_min                            ? 
_refine.pdbx_isotropic_thermal_model             Isotropic 
_refine.B_iso_mean                               ? 
_refine.aniso_B[1][1]                            2.756 
_refine.aniso_B[1][2]                            0.000 
_refine.aniso_B[1][3]                            0.000 
_refine.aniso_B[2][2]                            -10.058 
_refine.aniso_B[2][3]                            0.000 
_refine.aniso_B[3][3]                            7.302 
_refine.details                                  ? 
_refine.correlation_coeff_Fo_to_Fc               ? 
_refine.correlation_coeff_Fo_to_Fc_free          ? 
_refine.pdbx_solvent_vdw_probe_radii             ? 
_refine.pdbx_solvent_ion_probe_radii             ? 
_refine.pdbx_solvent_shrinkage_radii             ? 
_refine.overall_SU_R_Cruickshank_DPI             ? 
_refine.overall_SU_R_free                        ? 
_refine.overall_SU_B                             ? 
_refine.overall_SU_ML                            ? 
_refine.pdbx_overall_ESU_R_Free                  ? 
_refine.pdbx_data_cutoff_high_rms_absF           ? 
_refine.pdbx_refine_id                           'X-RAY DIFFRACTION' 
_refine.pdbx_diffrn_id                           1 
_refine.pdbx_overall_ESU_R                       ? 
_refine.pdbx_overall_phase_error                 ? 
_refine.ls_wR_factor_R_free                      ? 
_refine.ls_wR_factor_R_work                      ? 
_refine.overall_FOM_free_R_set                   ? 
_refine.overall_FOM_work_R_set                   ? 
_refine.pdbx_TLS_residual_ADP_flag               ? 
_refine.pdbx_overall_SU_R_free_Cruickshank_DPI   ? 
_refine.pdbx_overall_SU_R_Blow_DPI               ? 
_refine.pdbx_overall_SU_R_free_Blow_DPI          ? 
# 
_refine_hist.pdbx_refine_id                   'X-RAY DIFFRACTION' 
_refine_hist.cycle_id                         LAST 
_refine_hist.pdbx_number_atoms_protein        0 
_refine_hist.pdbx_number_atoms_nucleic_acid   422 
_refine_hist.pdbx_number_atoms_ligand         0 
_refine_hist.number_atoms_solvent             101 
_refine_hist.number_atoms_total               523 
_refine_hist.d_res_high                       1.60 
_refine_hist.d_res_low                        20.0 
# 
loop_
_refine_ls_restr.type 
_refine_ls_restr.dev_ideal 
_refine_ls_restr.dev_ideal_target 
_refine_ls_restr.weight 
_refine_ls_restr.number 
_refine_ls_restr.pdbx_refine_id 
_refine_ls_restr.pdbx_restraint_function 
c_bond_d    0.009 ? ? ? 'X-RAY DIFFRACTION' ? 
c_angle_deg 1.30  ? ? ? 'X-RAY DIFFRACTION' ? 
# 
_refine_ls_shell.pdbx_total_number_of_bins_used   ? 
_refine_ls_shell.d_res_high                       1.60 
_refine_ls_shell.d_res_low                        1.64 
_refine_ls_shell.number_reflns_R_work             ? 
_refine_ls_shell.R_factor_R_work                  0.312 
_refine_ls_shell.percent_reflns_obs               80.1 
_refine_ls_shell.R_factor_R_free                  0.353 
_refine_ls_shell.R_factor_R_free_error            ? 
_refine_ls_shell.percent_reflns_R_free            ? 
_refine_ls_shell.number_reflns_R_free             35 
_refine_ls_shell.redundancy_reflns_obs            ? 
_refine_ls_shell.pdbx_refine_id                   'X-RAY DIFFRACTION' 
_refine_ls_shell.number_reflns_all                ? 
_refine_ls_shell.number_reflns_obs                ? 
_refine_ls_shell.R_factor_all                     ? 
# 
_struct.entry_id                  1NZG 
_struct.title                     'Crystal structure of A-DNA decamer GCGTA(3ME)ACGC, with a modified 5-methyluridine' 
_struct.pdbx_model_details        ? 
_struct.pdbx_CASP_flag            ? 
_struct.pdbx_model_type_details   ? 
# 
_struct_keywords.entry_id        1NZG 
_struct_keywords.pdbx_keywords   DNA 
_struct_keywords.text            
;A-DNA, 2'-modified oligonucleotides, DNA
;
# 
loop_
_struct_asym.id 
_struct_asym.pdbx_blank_PDB_chainid_flag 
_struct_asym.pdbx_modified 
_struct_asym.entity_id 
_struct_asym.details 
A N N 1 ? 
B N N 1 ? 
C N N 2 ? 
D N N 2 ? 
# 
_struct_ref.id                         1 
_struct_ref.entity_id                  1 
_struct_ref.db_name                    PDB 
_struct_ref.db_code                    1NZG 
_struct_ref.pdbx_db_accession          1NZG 
_struct_ref.pdbx_align_begin           ? 
_struct_ref.pdbx_seq_one_letter_code   ? 
_struct_ref.pdbx_db_isoform            ? 
# 
loop_
_struct_ref_seq.align_id 
_struct_ref_seq.ref_id 
_struct_ref_seq.pdbx_PDB_id_code 
_struct_ref_seq.pdbx_strand_id 
_struct_ref_seq.seq_align_beg 
_struct_ref_seq.pdbx_seq_align_beg_ins_code 
_struct_ref_seq.seq_align_end 
_struct_ref_seq.pdbx_seq_align_end_ins_code 
_struct_ref_seq.pdbx_db_accession 
_struct_ref_seq.db_align_beg 
_struct_ref_seq.pdbx_db_align_beg_ins_code 
_struct_ref_seq.db_align_end 
_struct_ref_seq.pdbx_db_align_end_ins_code 
_struct_ref_seq.pdbx_auth_seq_align_beg 
_struct_ref_seq.pdbx_auth_seq_align_end 
1 1 1NZG A 1 ? 10 ? 1NZG 1  ? 10 ? 1  10 
2 1 1NZG B 1 ? 10 ? 1NZG 11 ? 20 ? 11 20 
# 
_pdbx_struct_assembly.id                   1 
_pdbx_struct_assembly.details              author_defined_assembly 
_pdbx_struct_assembly.method_details       ? 
_pdbx_struct_assembly.oligomeric_details   dimeric 
_pdbx_struct_assembly.oligomeric_count     2 
# 
_pdbx_struct_assembly_gen.assembly_id       1 
_pdbx_struct_assembly_gen.oper_expression   1 
_pdbx_struct_assembly_gen.asym_id_list      A,B,C,D 
# 
_pdbx_struct_oper_list.id                   1 
_pdbx_struct_oper_list.type                 'identity operation' 
_pdbx_struct_oper_list.name                 1_555 
_pdbx_struct_oper_list.symmetry_operation   x,y,z 
_pdbx_struct_oper_list.matrix[1][1]         1.0000000000 
_pdbx_struct_oper_list.matrix[1][2]         0.0000000000 
_pdbx_struct_oper_list.matrix[1][3]         0.0000000000 
_pdbx_struct_oper_list.vector[1]            0.0000000000 
_pdbx_struct_oper_list.matrix[2][1]         0.0000000000 
_pdbx_struct_oper_list.matrix[2][2]         1.0000000000 
_pdbx_struct_oper_list.matrix[2][3]         0.0000000000 
_pdbx_struct_oper_list.vector[2]            0.0000000000 
_pdbx_struct_oper_list.matrix[3][1]         0.0000000000 
_pdbx_struct_oper_list.matrix[3][2]         0.0000000000 
_pdbx_struct_oper_list.matrix[3][3]         1.0000000000 
_pdbx_struct_oper_list.vector[3]            0.0000000000 
# 
_struct_biol.id        1 
_struct_biol.details   ? 
# 
loop_
_struct_conn.id 
_struct_conn.conn_type_id 
_struct_conn.pdbx_leaving_atom_flag 
_struct_conn.pdbx_PDB_id 
_struct_conn.ptnr1_label_asym_id 
_struct_conn.ptnr1_label_comp_id 
_struct_conn.ptnr1_label_seq_id 
_struct_conn.ptnr1_label_atom_id 
_struct_conn.pdbx_ptnr1_label_alt_id 
_struct_conn.pdbx_ptnr1_PDB_ins_code 
_struct_conn.pdbx_ptnr1_standard_comp_id 
_struct_conn.ptnr1_symmetry 
_struct_conn.ptnr2_label_asym_id 
_struct_conn.ptnr2_label_comp_id 
_struct_conn.ptnr2_label_seq_id 
_struct_conn.ptnr2_label_atom_id 
_struct_conn.pdbx_ptnr2_label_alt_id 
_struct_conn.pdbx_ptnr2_PDB_ins_code 
_struct_conn.ptnr1_auth_asym_id 
_struct_conn.ptnr1_auth_comp_id 
_struct_conn.ptnr1_auth_seq_id 
_struct_conn.ptnr2_auth_asym_id 
_struct_conn.ptnr2_auth_comp_id 
_struct_conn.ptnr2_auth_seq_id 
_struct_conn.ptnr2_symmetry 
_struct_conn.pdbx_ptnr3_label_atom_id 
_struct_conn.pdbx_ptnr3_label_seq_id 
_struct_conn.pdbx_ptnr3_label_comp_id 
_struct_conn.pdbx_ptnr3_label_asym_id 
_struct_conn.pdbx_ptnr3_label_alt_id 
_struct_conn.pdbx_ptnr3_PDB_ins_code 
_struct_conn.details 
_struct_conn.pdbx_dist_value 
_struct_conn.pdbx_value_order 
_struct_conn.pdbx_role 
covale1  covale both ? A DA  5  "O3'" ? ? ? 1_555 A 3ME 6  P  ? ? A DA  5  A 3ME 6  1_555 ? ? ? ? ? ? ?            1.605 ? ? 
covale2  covale both ? A 3ME 6  "O3'" ? ? ? 1_555 A DA  7  P  ? ? A 3ME 6  A DA  7  1_555 ? ? ? ? ? ? ?            1.597 ? ? 
covale3  covale both ? B DA  5  "O3'" ? ? ? 1_555 B 3ME 6  P  ? ? B DA  15 B 3ME 16 1_555 ? ? ? ? ? ? ?            1.604 ? ? 
covale4  covale both ? B 3ME 6  "O3'" ? ? ? 1_555 B DA  7  P  ? ? B 3ME 16 B DA  17 1_555 ? ? ? ? ? ? ?            1.607 ? ? 
hydrog1  hydrog ?    ? A DG  1  N1    ? ? ? 1_555 B DC  10 N3 ? ? A DG  1  B DC  20 1_555 ? ? ? ? ? ? WATSON-CRICK ?     ? ? 
hydrog2  hydrog ?    ? A DG  1  N2    ? ? ? 1_555 B DC  10 O2 ? ? A DG  1  B DC  20 1_555 ? ? ? ? ? ? WATSON-CRICK ?     ? ? 
hydrog3  hydrog ?    ? A DG  1  O6    ? ? ? 1_555 B DC  10 N4 ? ? A DG  1  B DC  20 1_555 ? ? ? ? ? ? WATSON-CRICK ?     ? ? 
hydrog4  hydrog ?    ? A DC  2  N3    ? ? ? 1_555 B DG  9  N1 ? ? A DC  2  B DG  19 1_555 ? ? ? ? ? ? WATSON-CRICK ?     ? ? 
hydrog5  hydrog ?    ? A DC  2  N4    ? ? ? 1_555 B DG  9  O6 ? ? A DC  2  B DG  19 1_555 ? ? ? ? ? ? WATSON-CRICK ?     ? ? 
hydrog6  hydrog ?    ? A DC  2  O2    ? ? ? 1_555 B DG  9  N2 ? ? A DC  2  B DG  19 1_555 ? ? ? ? ? ? WATSON-CRICK ?     ? ? 
hydrog7  hydrog ?    ? A DG  3  N1    ? ? ? 1_555 B DC  8  N3 ? ? A DG  3  B DC  18 1_555 ? ? ? ? ? ? WATSON-CRICK ?     ? ? 
hydrog8  hydrog ?    ? A DG  3  N2    ? ? ? 1_555 B DC  8  O2 ? ? A DG  3  B DC  18 1_555 ? ? ? ? ? ? WATSON-CRICK ?     ? ? 
hydrog9  hydrog ?    ? A DG  3  O6    ? ? ? 1_555 B DC  8  N4 ? ? A DG  3  B DC  18 1_555 ? ? ? ? ? ? WATSON-CRICK ?     ? ? 
hydrog10 hydrog ?    ? A DT  4  N3    ? ? ? 1_555 B DA  7  N1 ? ? A DT  4  B DA  17 1_555 ? ? ? ? ? ? WATSON-CRICK ?     ? ? 
hydrog11 hydrog ?    ? A DT  4  O4    ? ? ? 1_555 B DA  7  N6 ? ? A DT  4  B DA  17 1_555 ? ? ? ? ? ? WATSON-CRICK ?     ? ? 
hydrog12 hydrog ?    ? A DA  5  N1    ? ? ? 1_555 B 3ME 6  N3 ? ? A DA  5  B 3ME 16 1_555 ? ? ? ? ? ? WATSON-CRICK ?     ? ? 
hydrog13 hydrog ?    ? A DA  5  N6    ? ? ? 1_555 B 3ME 6  O4 ? ? A DA  5  B 3ME 16 1_555 ? ? ? ? ? ? WATSON-CRICK ?     ? ? 
hydrog14 hydrog ?    ? A 3ME 6  N3    ? ? ? 1_555 B DA  5  N1 ? ? A 3ME 6  B DA  15 1_555 ? ? ? ? ? ? WATSON-CRICK ?     ? ? 
hydrog15 hydrog ?    ? A 3ME 6  O4    ? ? ? 1_555 B DA  5  N6 ? ? A 3ME 6  B DA  15 1_555 ? ? ? ? ? ? WATSON-CRICK ?     ? ? 
hydrog16 hydrog ?    ? A DA  7  N1    ? ? ? 1_555 B DT  4  N3 ? ? A DA  7  B DT  14 1_555 ? ? ? ? ? ? WATSON-CRICK ?     ? ? 
hydrog17 hydrog ?    ? A DA  7  N6    ? ? ? 1_555 B DT  4  O4 ? ? A DA  7  B DT  14 1_555 ? ? ? ? ? ? WATSON-CRICK ?     ? ? 
hydrog18 hydrog ?    ? A DC  8  N3    ? ? ? 1_555 B DG  3  N1 ? ? A DC  8  B DG  13 1_555 ? ? ? ? ? ? WATSON-CRICK ?     ? ? 
hydrog19 hydrog ?    ? A DC  8  N4    ? ? ? 1_555 B DG  3  O6 ? ? A DC  8  B DG  13 1_555 ? ? ? ? ? ? WATSON-CRICK ?     ? ? 
hydrog20 hydrog ?    ? A DC  8  O2    ? ? ? 1_555 B DG  3  N2 ? ? A DC  8  B DG  13 1_555 ? ? ? ? ? ? WATSON-CRICK ?     ? ? 
hydrog21 hydrog ?    ? A DG  9  N1    ? ? ? 1_555 B DC  2  N3 ? ? A DG  9  B DC  12 1_555 ? ? ? ? ? ? WATSON-CRICK ?     ? ? 
hydrog22 hydrog ?    ? A DG  9  N2    ? ? ? 1_555 B DC  2  O2 ? ? A DG  9  B DC  12 1_555 ? ? ? ? ? ? WATSON-CRICK ?     ? ? 
hydrog23 hydrog ?    ? A DG  9  O6    ? ? ? 1_555 B DC  2  N4 ? ? A DG  9  B DC  12 1_555 ? ? ? ? ? ? WATSON-CRICK ?     ? ? 
hydrog24 hydrog ?    ? A DC  10 N3    ? ? ? 1_555 B DG  1  N1 ? ? A DC  10 B DG  11 1_555 ? ? ? ? ? ? WATSON-CRICK ?     ? ? 
hydrog25 hydrog ?    ? A DC  10 N4    ? ? ? 1_555 B DG  1  O6 ? ? A DC  10 B DG  11 1_555 ? ? ? ? ? ? WATSON-CRICK ?     ? ? 
hydrog26 hydrog ?    ? A DC  10 O2    ? ? ? 1_555 B DG  1  N2 ? ? A DC  10 B DG  11 1_555 ? ? ? ? ? ? WATSON-CRICK ?     ? ? 
# 
loop_
_struct_conn_type.id 
_struct_conn_type.criteria 
_struct_conn_type.reference 
covale ? ? 
hydrog ? ? 
# 
loop_
_pdbx_struct_mod_residue.id 
_pdbx_struct_mod_residue.label_asym_id 
_pdbx_struct_mod_residue.label_comp_id 
_pdbx_struct_mod_residue.label_seq_id 
_pdbx_struct_mod_residue.auth_asym_id 
_pdbx_struct_mod_residue.auth_comp_id 
_pdbx_struct_mod_residue.auth_seq_id 
_pdbx_struct_mod_residue.PDB_ins_code 
_pdbx_struct_mod_residue.parent_comp_id 
_pdbx_struct_mod_residue.details 
1 A 3ME 6 A 3ME 6  ? U ? 
2 B 3ME 6 B 3ME 16 ? U ? 
# 
loop_
_chem_comp_atom.comp_id 
_chem_comp_atom.atom_id 
_chem_comp_atom.type_symbol 
_chem_comp_atom.pdbx_aromatic_flag 
_chem_comp_atom.pdbx_stereo_config 
_chem_comp_atom.pdbx_ordinal 
3ME P      P N N 1   
3ME OP1    O N N 2   
3ME OP2    O N N 3   
3ME "O5'"  O N N 4   
3ME "C5'"  C N N 5   
3ME "C4'"  C N R 6   
3ME "O4'"  O N N 7   
3ME "C1'"  C N R 8   
3ME N1     N N N 9   
3ME C6     C N N 10  
3ME C2     C N N 11  
3ME O2     O N N 12  
3ME N3     N N N 13  
3ME C4     C N N 14  
3ME O4     O N N 15  
3ME C5     C N N 16  
3ME C5A    C N N 17  
3ME "C2'"  C N R 18  
3ME "O2'"  O N N 19  
3ME "CB'"  C N N 20  
3ME "CC'"  C N N 21  
3ME "OD'"  O N N 22  
3ME "CE'"  C N N 23  
3ME "CF'"  C N N 24  
3ME "NG'"  N N N 25  
3ME "CI'"  C N N 26  
3ME "CJ'"  C N N 27  
3ME "C3'"  C N R 28  
3ME "O3'"  O N N 29  
3ME HO2    H N N 30  
3ME "H5'1" H N N 31  
3ME "H5'2" H N N 32  
3ME "H4'"  H N N 33  
3ME "H1'"  H N N 34  
3ME HC6    H N N 35  
3ME HN3    H N N 36  
3ME H5A1   H N N 37  
3ME H5A2   H N N 38  
3ME H5A3   H N N 39  
3ME "H2'"  H N N 40  
3ME "HB'1" H N N 41  
3ME "HB'2" H N N 42  
3ME "HC'1" H N N 43  
3ME "HC'2" H N N 44  
3ME "HE'1" H N N 45  
3ME "HE'2" H N N 46  
3ME "HF'1" H N N 47  
3ME "HF'2" H N N 48  
3ME "HI'1" H N N 49  
3ME "HI'2" H N N 50  
3ME "HI'3" H N N 51  
3ME "HJ'1" H N N 52  
3ME "HJ'2" H N N 53  
3ME "HJ'3" H N N 54  
3ME "H3'"  H N N 55  
3ME "HO3'" H N N 56  
3ME OXT    O N N 57  
3ME HXT    H N N 58  
DA  OP3    O N N 59  
DA  P      P N N 60  
DA  OP1    O N N 61  
DA  OP2    O N N 62  
DA  "O5'"  O N N 63  
DA  "C5'"  C N N 64  
DA  "C4'"  C N R 65  
DA  "O4'"  O N N 66  
DA  "C3'"  C N S 67  
DA  "O3'"  O N N 68  
DA  "C2'"  C N N 69  
DA  "C1'"  C N R 70  
DA  N9     N Y N 71  
DA  C8     C Y N 72  
DA  N7     N Y N 73  
DA  C5     C Y N 74  
DA  C6     C Y N 75  
DA  N6     N N N 76  
DA  N1     N Y N 77  
DA  C2     C Y N 78  
DA  N3     N Y N 79  
DA  C4     C Y N 80  
DA  HOP3   H N N 81  
DA  HOP2   H N N 82  
DA  "H5'"  H N N 83  
DA  "H5''" H N N 84  
DA  "H4'"  H N N 85  
DA  "H3'"  H N N 86  
DA  "HO3'" H N N 87  
DA  "H2'"  H N N 88  
DA  "H2''" H N N 89  
DA  "H1'"  H N N 90  
DA  H8     H N N 91  
DA  H61    H N N 92  
DA  H62    H N N 93  
DA  H2     H N N 94  
DC  OP3    O N N 95  
DC  P      P N N 96  
DC  OP1    O N N 97  
DC  OP2    O N N 98  
DC  "O5'"  O N N 99  
DC  "C5'"  C N N 100 
DC  "C4'"  C N R 101 
DC  "O4'"  O N N 102 
DC  "C3'"  C N S 103 
DC  "O3'"  O N N 104 
DC  "C2'"  C N N 105 
DC  "C1'"  C N R 106 
DC  N1     N N N 107 
DC  C2     C N N 108 
DC  O2     O N N 109 
DC  N3     N N N 110 
DC  C4     C N N 111 
DC  N4     N N N 112 
DC  C5     C N N 113 
DC  C6     C N N 114 
DC  HOP3   H N N 115 
DC  HOP2   H N N 116 
DC  "H5'"  H N N 117 
DC  "H5''" H N N 118 
DC  "H4'"  H N N 119 
DC  "H3'"  H N N 120 
DC  "HO3'" H N N 121 
DC  "H2'"  H N N 122 
DC  "H2''" H N N 123 
DC  "H1'"  H N N 124 
DC  H41    H N N 125 
DC  H42    H N N 126 
DC  H5     H N N 127 
DC  H6     H N N 128 
DG  OP3    O N N 129 
DG  P      P N N 130 
DG  OP1    O N N 131 
DG  OP2    O N N 132 
DG  "O5'"  O N N 133 
DG  "C5'"  C N N 134 
DG  "C4'"  C N R 135 
DG  "O4'"  O N N 136 
DG  "C3'"  C N S 137 
DG  "O3'"  O N N 138 
DG  "C2'"  C N N 139 
DG  "C1'"  C N R 140 
DG  N9     N Y N 141 
DG  C8     C Y N 142 
DG  N7     N Y N 143 
DG  C5     C Y N 144 
DG  C6     C N N 145 
DG  O6     O N N 146 
DG  N1     N N N 147 
DG  C2     C N N 148 
DG  N2     N N N 149 
DG  N3     N N N 150 
DG  C4     C Y N 151 
DG  HOP3   H N N 152 
DG  HOP2   H N N 153 
DG  "H5'"  H N N 154 
DG  "H5''" H N N 155 
DG  "H4'"  H N N 156 
DG  "H3'"  H N N 157 
DG  "HO3'" H N N 158 
DG  "H2'"  H N N 159 
DG  "H2''" H N N 160 
DG  "H1'"  H N N 161 
DG  H8     H N N 162 
DG  H1     H N N 163 
DG  H21    H N N 164 
DG  H22    H N N 165 
DT  OP3    O N N 166 
DT  P      P N N 167 
DT  OP1    O N N 168 
DT  OP2    O N N 169 
DT  "O5'"  O N N 170 
DT  "C5'"  C N N 171 
DT  "C4'"  C N R 172 
DT  "O4'"  O N N 173 
DT  "C3'"  C N S 174 
DT  "O3'"  O N N 175 
DT  "C2'"  C N N 176 
DT  "C1'"  C N R 177 
DT  N1     N N N 178 
DT  C2     C N N 179 
DT  O2     O N N 180 
DT  N3     N N N 181 
DT  C4     C N N 182 
DT  O4     O N N 183 
DT  C5     C N N 184 
DT  C7     C N N 185 
DT  C6     C N N 186 
DT  HOP3   H N N 187 
DT  HOP2   H N N 188 
DT  "H5'"  H N N 189 
DT  "H5''" H N N 190 
DT  "H4'"  H N N 191 
DT  "H3'"  H N N 192 
DT  "HO3'" H N N 193 
DT  "H2'"  H N N 194 
DT  "H2''" H N N 195 
DT  "H1'"  H N N 196 
DT  H3     H N N 197 
DT  H71    H N N 198 
DT  H72    H N N 199 
DT  H73    H N N 200 
DT  H6     H N N 201 
HOH O      O N N 202 
HOH H1     H N N 203 
HOH H2     H N N 204 
# 
loop_
_chem_comp_bond.comp_id 
_chem_comp_bond.atom_id_1 
_chem_comp_bond.atom_id_2 
_chem_comp_bond.value_order 
_chem_comp_bond.pdbx_aromatic_flag 
_chem_comp_bond.pdbx_stereo_config 
_chem_comp_bond.pdbx_ordinal 
3ME P     OP1    doub N N 1   
3ME P     OP2    sing N N 2   
3ME P     "O5'"  sing N N 3   
3ME OP2   HO2    sing N N 4   
3ME "O5'" "C5'"  sing N N 5   
3ME "C5'" "C4'"  sing N N 6   
3ME "C5'" "H5'1" sing N N 7   
3ME "C5'" "H5'2" sing N N 8   
3ME "C4'" "O4'"  sing N N 9   
3ME "C4'" "C3'"  sing N N 10  
3ME "C4'" "H4'"  sing N N 11  
3ME "O4'" "C1'"  sing N N 12  
3ME "C1'" N1     sing N N 13  
3ME "C1'" "C2'"  sing N N 14  
3ME "C1'" "H1'"  sing N N 15  
3ME N1    C6     sing N N 16  
3ME N1    C2     sing N N 17  
3ME C6    C5     doub N N 18  
3ME C6    HC6    sing N N 19  
3ME C2    O2     doub N N 20  
3ME C2    N3     sing N N 21  
3ME N3    C4     sing N N 22  
3ME N3    HN3    sing N N 23  
3ME C4    O4     doub N N 24  
3ME C4    C5     sing N N 25  
3ME C5    C5A    sing N N 26  
3ME C5A   H5A1   sing N N 27  
3ME C5A   H5A2   sing N N 28  
3ME C5A   H5A3   sing N N 29  
3ME "C2'" "O2'"  sing N N 30  
3ME "C2'" "C3'"  sing N N 31  
3ME "C2'" "H2'"  sing N N 32  
3ME "O2'" "CB'"  sing N N 33  
3ME "CB'" "CC'"  sing N N 34  
3ME "CB'" "HB'1" sing N N 35  
3ME "CB'" "HB'2" sing N N 36  
3ME "CC'" "OD'"  sing N N 37  
3ME "CC'" "HC'1" sing N N 38  
3ME "CC'" "HC'2" sing N N 39  
3ME "OD'" "CE'"  sing N N 40  
3ME "CE'" "CF'"  sing N N 41  
3ME "CE'" "HE'1" sing N N 42  
3ME "CE'" "HE'2" sing N N 43  
3ME "CF'" "NG'"  sing N N 44  
3ME "CF'" "HF'1" sing N N 45  
3ME "CF'" "HF'2" sing N N 46  
3ME "NG'" "CI'"  sing N N 47  
3ME "NG'" "CJ'"  sing N N 48  
3ME "CI'" "HI'1" sing N N 49  
3ME "CI'" "HI'2" sing N N 50  
3ME "CI'" "HI'3" sing N N 51  
3ME "CJ'" "HJ'1" sing N N 52  
3ME "CJ'" "HJ'2" sing N N 53  
3ME "CJ'" "HJ'3" sing N N 54  
3ME "C3'" "O3'"  sing N N 55  
3ME "C3'" "H3'"  sing N N 56  
3ME "O3'" "HO3'" sing N N 57  
3ME P     OXT    sing N N 58  
3ME OXT   HXT    sing N N 59  
DA  OP3   P      sing N N 60  
DA  OP3   HOP3   sing N N 61  
DA  P     OP1    doub N N 62  
DA  P     OP2    sing N N 63  
DA  P     "O5'"  sing N N 64  
DA  OP2   HOP2   sing N N 65  
DA  "O5'" "C5'"  sing N N 66  
DA  "C5'" "C4'"  sing N N 67  
DA  "C5'" "H5'"  sing N N 68  
DA  "C5'" "H5''" sing N N 69  
DA  "C4'" "O4'"  sing N N 70  
DA  "C4'" "C3'"  sing N N 71  
DA  "C4'" "H4'"  sing N N 72  
DA  "O4'" "C1'"  sing N N 73  
DA  "C3'" "O3'"  sing N N 74  
DA  "C3'" "C2'"  sing N N 75  
DA  "C3'" "H3'"  sing N N 76  
DA  "O3'" "HO3'" sing N N 77  
DA  "C2'" "C1'"  sing N N 78  
DA  "C2'" "H2'"  sing N N 79  
DA  "C2'" "H2''" sing N N 80  
DA  "C1'" N9     sing N N 81  
DA  "C1'" "H1'"  sing N N 82  
DA  N9    C8     sing Y N 83  
DA  N9    C4     sing Y N 84  
DA  C8    N7     doub Y N 85  
DA  C8    H8     sing N N 86  
DA  N7    C5     sing Y N 87  
DA  C5    C6     sing Y N 88  
DA  C5    C4     doub Y N 89  
DA  C6    N6     sing N N 90  
DA  C6    N1     doub Y N 91  
DA  N6    H61    sing N N 92  
DA  N6    H62    sing N N 93  
DA  N1    C2     sing Y N 94  
DA  C2    N3     doub Y N 95  
DA  C2    H2     sing N N 96  
DA  N3    C4     sing Y N 97  
DC  OP3   P      sing N N 98  
DC  OP3   HOP3   sing N N 99  
DC  P     OP1    doub N N 100 
DC  P     OP2    sing N N 101 
DC  P     "O5'"  sing N N 102 
DC  OP2   HOP2   sing N N 103 
DC  "O5'" "C5'"  sing N N 104 
DC  "C5'" "C4'"  sing N N 105 
DC  "C5'" "H5'"  sing N N 106 
DC  "C5'" "H5''" sing N N 107 
DC  "C4'" "O4'"  sing N N 108 
DC  "C4'" "C3'"  sing N N 109 
DC  "C4'" "H4'"  sing N N 110 
DC  "O4'" "C1'"  sing N N 111 
DC  "C3'" "O3'"  sing N N 112 
DC  "C3'" "C2'"  sing N N 113 
DC  "C3'" "H3'"  sing N N 114 
DC  "O3'" "HO3'" sing N N 115 
DC  "C2'" "C1'"  sing N N 116 
DC  "C2'" "H2'"  sing N N 117 
DC  "C2'" "H2''" sing N N 118 
DC  "C1'" N1     sing N N 119 
DC  "C1'" "H1'"  sing N N 120 
DC  N1    C2     sing N N 121 
DC  N1    C6     sing N N 122 
DC  C2    O2     doub N N 123 
DC  C2    N3     sing N N 124 
DC  N3    C4     doub N N 125 
DC  C4    N4     sing N N 126 
DC  C4    C5     sing N N 127 
DC  N4    H41    sing N N 128 
DC  N4    H42    sing N N 129 
DC  C5    C6     doub N N 130 
DC  C5    H5     sing N N 131 
DC  C6    H6     sing N N 132 
DG  OP3   P      sing N N 133 
DG  OP3   HOP3   sing N N 134 
DG  P     OP1    doub N N 135 
DG  P     OP2    sing N N 136 
DG  P     "O5'"  sing N N 137 
DG  OP2   HOP2   sing N N 138 
DG  "O5'" "C5'"  sing N N 139 
DG  "C5'" "C4'"  sing N N 140 
DG  "C5'" "H5'"  sing N N 141 
DG  "C5'" "H5''" sing N N 142 
DG  "C4'" "O4'"  sing N N 143 
DG  "C4'" "C3'"  sing N N 144 
DG  "C4'" "H4'"  sing N N 145 
DG  "O4'" "C1'"  sing N N 146 
DG  "C3'" "O3'"  sing N N 147 
DG  "C3'" "C2'"  sing N N 148 
DG  "C3'" "H3'"  sing N N 149 
DG  "O3'" "HO3'" sing N N 150 
DG  "C2'" "C1'"  sing N N 151 
DG  "C2'" "H2'"  sing N N 152 
DG  "C2'" "H2''" sing N N 153 
DG  "C1'" N9     sing N N 154 
DG  "C1'" "H1'"  sing N N 155 
DG  N9    C8     sing Y N 156 
DG  N9    C4     sing Y N 157 
DG  C8    N7     doub Y N 158 
DG  C8    H8     sing N N 159 
DG  N7    C5     sing Y N 160 
DG  C5    C6     sing N N 161 
DG  C5    C4     doub Y N 162 
DG  C6    O6     doub N N 163 
DG  C6    N1     sing N N 164 
DG  N1    C2     sing N N 165 
DG  N1    H1     sing N N 166 
DG  C2    N2     sing N N 167 
DG  C2    N3     doub N N 168 
DG  N2    H21    sing N N 169 
DG  N2    H22    sing N N 170 
DG  N3    C4     sing N N 171 
DT  OP3   P      sing N N 172 
DT  OP3   HOP3   sing N N 173 
DT  P     OP1    doub N N 174 
DT  P     OP2    sing N N 175 
DT  P     "O5'"  sing N N 176 
DT  OP2   HOP2   sing N N 177 
DT  "O5'" "C5'"  sing N N 178 
DT  "C5'" "C4'"  sing N N 179 
DT  "C5'" "H5'"  sing N N 180 
DT  "C5'" "H5''" sing N N 181 
DT  "C4'" "O4'"  sing N N 182 
DT  "C4'" "C3'"  sing N N 183 
DT  "C4'" "H4'"  sing N N 184 
DT  "O4'" "C1'"  sing N N 185 
DT  "C3'" "O3'"  sing N N 186 
DT  "C3'" "C2'"  sing N N 187 
DT  "C3'" "H3'"  sing N N 188 
DT  "O3'" "HO3'" sing N N 189 
DT  "C2'" "C1'"  sing N N 190 
DT  "C2'" "H2'"  sing N N 191 
DT  "C2'" "H2''" sing N N 192 
DT  "C1'" N1     sing N N 193 
DT  "C1'" "H1'"  sing N N 194 
DT  N1    C2     sing N N 195 
DT  N1    C6     sing N N 196 
DT  C2    O2     doub N N 197 
DT  C2    N3     sing N N 198 
DT  N3    C4     sing N N 199 
DT  N3    H3     sing N N 200 
DT  C4    O4     doub N N 201 
DT  C4    C5     sing N N 202 
DT  C5    C7     sing N N 203 
DT  C5    C6     doub N N 204 
DT  C7    H71    sing N N 205 
DT  C7    H72    sing N N 206 
DT  C7    H73    sing N N 207 
DT  C6    H6     sing N N 208 
HOH O     H1     sing N N 209 
HOH O     H2     sing N N 210 
# 
_ndb_struct_conf_na.entry_id   1NZG 
_ndb_struct_conf_na.feature    'a-form double helix' 
# 
loop_
_ndb_struct_na_base_pair.model_number 
_ndb_struct_na_base_pair.i_label_asym_id 
_ndb_struct_na_base_pair.i_label_comp_id 
_ndb_struct_na_base_pair.i_label_seq_id 
_ndb_struct_na_base_pair.i_symmetry 
_ndb_struct_na_base_pair.j_label_asym_id 
_ndb_struct_na_base_pair.j_label_comp_id 
_ndb_struct_na_base_pair.j_label_seq_id 
_ndb_struct_na_base_pair.j_symmetry 
_ndb_struct_na_base_pair.shear 
_ndb_struct_na_base_pair.stretch 
_ndb_struct_na_base_pair.stagger 
_ndb_struct_na_base_pair.buckle 
_ndb_struct_na_base_pair.propeller 
_ndb_struct_na_base_pair.opening 
_ndb_struct_na_base_pair.pair_number 
_ndb_struct_na_base_pair.pair_name 
_ndb_struct_na_base_pair.i_auth_asym_id 
_ndb_struct_na_base_pair.i_auth_seq_id 
_ndb_struct_na_base_pair.i_PDB_ins_code 
_ndb_struct_na_base_pair.j_auth_asym_id 
_ndb_struct_na_base_pair.j_auth_seq_id 
_ndb_struct_na_base_pair.j_PDB_ins_code 
_ndb_struct_na_base_pair.hbond_type_28 
_ndb_struct_na_base_pair.hbond_type_12 
1 A DG  1  1_555 B DC  10 1_555 -0.243 -0.168 0.271  0.799  -7.020  -2.274 1  A_DG1:DC20_B  A 1  ? B 20 ? 19 1 
1 A DC  2  1_555 B DG  9  1_555 0.155  -0.095 -0.009 7.658  -14.705 0.675  2  A_DC2:DG19_B  A 2  ? B 19 ? 19 1 
1 A DG  3  1_555 B DC  8  1_555 -0.373 -0.186 0.001  -8.232 -15.199 1.268  3  A_DG3:DC18_B  A 3  ? B 18 ? 19 1 
1 A DT  4  1_555 B DA  7  1_555 -0.157 -0.136 -0.147 -3.162 -17.057 0.288  4  A_DT4:DA17_B  A 4  ? B 17 ? 20 1 
1 A DA  5  1_555 B 3ME 6  1_555 0.257  0.007  0.114  -2.856 -12.201 -5.065 5  A_DA5:3ME16_B A 5  ? B 16 ? 20 1 
1 A 3ME 6  1_555 B DA  5  1_555 -0.005 -0.112 0.227  5.327  -13.532 6.126  6  A_3ME6:DA15_B A 6  ? B 15 ? 20 1 
1 A DA  7  1_555 B DT  4  1_555 0.083  -0.159 0.076  5.597  -11.520 2.212  7  A_DA7:DT14_B  A 7  ? B 14 ? 20 1 
1 A DC  8  1_555 B DG  3  1_555 0.229  -0.189 -0.318 10.890 -15.325 2.842  8  A_DC8:DG13_B  A 8  ? B 13 ? 19 1 
1 A DG  9  1_555 B DC  2  1_555 -0.014 -0.171 -0.050 -5.636 -9.259  2.209  9  A_DG9:DC12_B  A 9  ? B 12 ? 19 1 
1 A DC  10 1_555 B DG  1  1_555 0.251  -0.085 0.002  -1.864 5.410   0.141  10 A_DC10:DG11_B A 10 ? B 11 ? 19 1 
# 
loop_
_ndb_struct_na_base_pair_step.model_number 
_ndb_struct_na_base_pair_step.i_label_asym_id_1 
_ndb_struct_na_base_pair_step.i_label_comp_id_1 
_ndb_struct_na_base_pair_step.i_label_seq_id_1 
_ndb_struct_na_base_pair_step.i_symmetry_1 
_ndb_struct_na_base_pair_step.j_label_asym_id_1 
_ndb_struct_na_base_pair_step.j_label_comp_id_1 
_ndb_struct_na_base_pair_step.j_label_seq_id_1 
_ndb_struct_na_base_pair_step.j_symmetry_1 
_ndb_struct_na_base_pair_step.i_label_asym_id_2 
_ndb_struct_na_base_pair_step.i_label_comp_id_2 
_ndb_struct_na_base_pair_step.i_label_seq_id_2 
_ndb_struct_na_base_pair_step.i_symmetry_2 
_ndb_struct_na_base_pair_step.j_label_asym_id_2 
_ndb_struct_na_base_pair_step.j_label_comp_id_2 
_ndb_struct_na_base_pair_step.j_label_seq_id_2 
_ndb_struct_na_base_pair_step.j_symmetry_2 
_ndb_struct_na_base_pair_step.shift 
_ndb_struct_na_base_pair_step.slide 
_ndb_struct_na_base_pair_step.rise 
_ndb_struct_na_base_pair_step.tilt 
_ndb_struct_na_base_pair_step.roll 
_ndb_struct_na_base_pair_step.twist 
_ndb_struct_na_base_pair_step.x_displacement 
_ndb_struct_na_base_pair_step.y_displacement 
_ndb_struct_na_base_pair_step.helical_rise 
_ndb_struct_na_base_pair_step.inclination 
_ndb_struct_na_base_pair_step.tip 
_ndb_struct_na_base_pair_step.helical_twist 
_ndb_struct_na_base_pair_step.step_number 
_ndb_struct_na_base_pair_step.step_name 
_ndb_struct_na_base_pair_step.i_auth_asym_id_1 
_ndb_struct_na_base_pair_step.i_auth_seq_id_1 
_ndb_struct_na_base_pair_step.i_PDB_ins_code_1 
_ndb_struct_na_base_pair_step.j_auth_asym_id_1 
_ndb_struct_na_base_pair_step.j_auth_seq_id_1 
_ndb_struct_na_base_pair_step.j_PDB_ins_code_1 
_ndb_struct_na_base_pair_step.i_auth_asym_id_2 
_ndb_struct_na_base_pair_step.i_auth_seq_id_2 
_ndb_struct_na_base_pair_step.i_PDB_ins_code_2 
_ndb_struct_na_base_pair_step.j_auth_asym_id_2 
_ndb_struct_na_base_pair_step.j_auth_seq_id_2 
_ndb_struct_na_base_pair_step.j_PDB_ins_code_2 
1 A DG  1 1_555 B DC  10 1_555 A DC  2  1_555 B DG  9 1_555 0.351  -1.572 3.102 3.640  0.421  39.090 -2.388 -0.110 3.104 0.627  
-5.426 39.254 1 AA_DG1DC2:DG19DC20_BB   A 1 ? B 20 ? A 2  ? B 19 ? 
1 A DC  2 1_555 B DG  9  1_555 A DG  3  1_555 B DC  8 1_555 0.258  -2.046 3.566 0.274  10.238 25.204 -6.858 -0.482 2.556 22.322 
-0.598 27.174 2 AA_DC2DG3:DC18DG19_BB   A 2 ? B 19 ? A 3  ? B 18 ? 
1 A DG  3 1_555 B DC  8  1_555 A DT  4  1_555 B DA  7 1_555 -1.109 -1.356 3.059 -1.384 6.094  37.321 -2.805 1.549  2.848 9.442  
2.144  37.822 3 AA_DG3DT4:DA17DC18_BB   A 3 ? B 18 ? A 4  ? B 17 ? 
1 A DT  4 1_555 B DA  7  1_555 A DA  5  1_555 B 3ME 6 1_555 0.590  -1.560 3.193 1.461  20.125 25.883 -5.649 -0.839 1.621 38.366 
-2.785 32.713 4 AA_DT4DA5:3ME16DA17_BB  A 4 ? B 17 ? A 5  ? B 16 ? 
1 A DA  5 1_555 B 3ME 6  1_555 A 3ME 6  1_555 B DA  5 1_555 0.871  -1.327 3.101 0.246  5.477  32.036 -3.250 -1.518 2.848 9.834  
-0.442 32.489 5 AA_DA53ME6:DA153ME16_BB A 5 ? B 16 ? A 6  ? B 15 ? 
1 A 3ME 6 1_555 B DA  5  1_555 A DA  7  1_555 B DT  4 1_555 -0.327 -1.405 3.090 0.546  12.833 30.508 -4.344 0.655  2.321 23.142 
-0.985 33.042 6 AA_3ME6DA7:DT14DA15_BB  A 6 ? B 15 ? A 7  ? B 14 ? 
1 A DA  7 1_555 B DT  4  1_555 A DC  8  1_555 B DG  3 1_555 0.250  -1.601 3.245 3.269  4.655  31.577 -3.703 0.112  2.994 8.468  
-5.947 32.072 7 AA_DA7DC8:DG13DT14_BB   A 7 ? B 14 ? A 8  ? B 13 ? 
1 A DC  8 1_555 B DG  3  1_555 A DG  9  1_555 B DC  2 1_555 -0.308 -1.836 3.621 -1.628 11.956 29.154 -5.621 0.262  2.691 22.572 
3.073  31.503 8 AA_DC8DG9:DC12DG13_BB   A 8 ? B 13 ? A 9  ? B 12 ? 
1 A DG  9 1_555 B DC  2  1_555 A DC  10 1_555 B DG  1 1_555 0.282  -1.753 3.320 1.360  2.334  34.270 -3.330 -0.265 3.205 3.954  
-2.304 34.373 9 AA_DG9DC10:DG11DC12_BB  A 9 ? B 12 ? A 10 ? B 11 ? 
# 
_atom_sites.entry_id                    1NZG 
_atom_sites.fract_transf_matrix[1][1]   0.03004763 
_atom_sites.fract_transf_matrix[1][2]   0.02542254 
_atom_sites.fract_transf_matrix[1][3]   0.00424789 
_atom_sites.fract_transf_matrix[2][1]   -0.00977784 
_atom_sites.fract_transf_matrix[2][2]   0.00844382 
_atom_sites.fract_transf_matrix[2][3]   0.01862982 
_atom_sites.fract_transf_matrix[3][1]   0.01071278 
_atom_sites.fract_transf_matrix[3][2]   -0.01471569 
_atom_sites.fract_transf_matrix[3][3]   0.01229236 
_atom_sites.fract_transf_vector[1]      0.129990 
_atom_sites.fract_transf_vector[2]      0.051660 
_atom_sites.fract_transf_vector[3]      0.247378 
# 
loop_
_atom_type.symbol 
C 
N 
O 
P 
# 
loop_
_atom_site.group_PDB 
_atom_site.id 
_atom_site.type_symbol 
_atom_site.label_atom_id 
_atom_site.label_alt_id 
_atom_site.label_comp_id 
_atom_site.label_asym_id 
_atom_site.label_entity_id 
_atom_site.label_seq_id 
_atom_site.pdbx_PDB_ins_code 
_atom_site.Cartn_x 
_atom_site.Cartn_y 
_atom_site.Cartn_z 
_atom_site.occupancy 
_atom_site.B_iso_or_equiv 
_atom_site.pdbx_formal_charge 
_atom_site.auth_seq_id 
_atom_site.auth_comp_id 
_atom_site.auth_asym_id 
_atom_site.auth_atom_id 
_atom_site.pdbx_PDB_model_num 
ATOM   1   O "O5'" . DG  A 1 1  ? -0.077  -11.439 -4.363  1.00 36.71 ? 1   DG  A "O5'" 1 
ATOM   2   C "C5'" . DG  A 1 1  ? 1.127   -12.153 -4.556  1.00 32.27 ? 1   DG  A "C5'" 1 
ATOM   3   C "C4'" . DG  A 1 1  ? 1.548   -11.975 -5.995  1.00 30.72 ? 1   DG  A "C4'" 1 
ATOM   4   O "O4'" . DG  A 1 1  ? 0.422   -12.231 -6.849  1.00 27.99 ? 1   DG  A "O4'" 1 
ATOM   5   C "C3'" . DG  A 1 1  ? 1.996   -10.569 -6.362  1.00 27.74 ? 1   DG  A "C3'" 1 
ATOM   6   O "O3'" . DG  A 1 1  ? 3.379   -10.430 -6.075  1.00 29.47 ? 1   DG  A "O3'" 1 
ATOM   7   C "C2'" . DG  A 1 1  ? 1.732   -10.530 -7.860  1.00 27.79 ? 1   DG  A "C2'" 1 
ATOM   8   C "C1'" . DG  A 1 1  ? 0.461   -11.353 -7.984  1.00 27.25 ? 1   DG  A "C1'" 1 
ATOM   9   N N9    . DG  A 1 1  ? -0.734  -10.526 -7.916  1.00 27.48 ? 1   DG  A N9    1 
ATOM   10  C C8    . DG  A 1 1  ? -1.708  -10.592 -6.946  1.00 29.17 ? 1   DG  A C8    1 
ATOM   11  N N7    . DG  A 1 1  ? -2.655  -9.710  -7.110  1.00 29.95 ? 1   DG  A N7    1 
ATOM   12  C C5    . DG  A 1 1  ? -2.294  -9.032  -8.269  1.00 27.28 ? 1   DG  A C5    1 
ATOM   13  C C6    . DG  A 1 1  ? -2.962  -7.993  -8.978  1.00 27.76 ? 1   DG  A C6    1 
ATOM   14  O O6    . DG  A 1 1  ? -4.038  -7.450  -8.716  1.00 26.22 ? 1   DG  A O6    1 
ATOM   15  N N1    . DG  A 1 1  ? -2.242  -7.602  -10.119 1.00 24.29 ? 1   DG  A N1    1 
ATOM   16  C C2    . DG  A 1 1  ? -1.059  -8.158  -10.509 1.00 27.05 ? 1   DG  A C2    1 
ATOM   17  N N2    . DG  A 1 1  ? -0.516  -7.659  -11.622 1.00 25.57 ? 1   DG  A N2    1 
ATOM   18  N N3    . DG  A 1 1  ? -0.440  -9.135  -9.871  1.00 25.57 ? 1   DG  A N3    1 
ATOM   19  C C4    . DG  A 1 1  ? -1.109  -9.525  -8.773  1.00 27.91 ? 1   DG  A C4    1 
ATOM   20  P P     . DC  A 1 2  ? 3.929   -9.055  -5.495  1.00 28.57 ? 2   DC  A P     1 
ATOM   21  O OP1   . DC  A 1 2  ? 5.333   -9.265  -5.055  1.00 31.53 ? 2   DC  A OP1   1 
ATOM   22  O OP2   . DC  A 1 2  ? 2.919   -8.519  -4.543  1.00 28.80 ? 2   DC  A OP2   1 
ATOM   23  O "O5'" . DC  A 1 2  ? 3.961   -8.067  -6.734  1.00 24.71 ? 2   DC  A "O5'" 1 
ATOM   24  C "C5'" . DC  A 1 2  ? 4.670   -8.408  -7.933  1.00 27.66 ? 2   DC  A "C5'" 1 
ATOM   25  C "C4'" . DC  A 1 2  ? 4.310   -7.421  -9.017  1.00 23.78 ? 2   DC  A "C4'" 1 
ATOM   26  O "O4'" . DC  A 1 2  ? 2.928   -7.598  -9.373  1.00 25.70 ? 2   DC  A "O4'" 1 
ATOM   27  C "C3'" . DC  A 1 2  ? 4.429   -5.954  -8.622  1.00 26.27 ? 2   DC  A "C3'" 1 
ATOM   28  O "O3'" . DC  A 1 2  ? 5.779   -5.503  -8.792  1.00 27.55 ? 2   DC  A "O3'" 1 
ATOM   29  C "C2'" . DC  A 1 2  ? 3.448   -5.281  -9.577  1.00 25.44 ? 2   DC  A "C2'" 1 
ATOM   30  C "C1'" . DC  A 1 2  ? 2.351   -6.335  -9.721  1.00 25.94 ? 2   DC  A "C1'" 1 
ATOM   31  N N1    . DC  A 1 2  ? 1.206   -6.103  -8.829  1.00 23.85 ? 2   DC  A N1    1 
ATOM   32  C C2    . DC  A 1 2  ? 0.186   -5.267  -9.281  1.00 25.97 ? 2   DC  A C2    1 
ATOM   33  O O2    . DC  A 1 2  ? 0.351   -4.675  -10.367 1.00 24.03 ? 2   DC  A O2    1 
ATOM   34  N N3    . DC  A 1 2  ? -0.936  -5.106  -8.533  1.00 23.57 ? 2   DC  A N3    1 
ATOM   35  C C4    . DC  A 1 2  ? -1.040  -5.728  -7.359  1.00 26.35 ? 2   DC  A C4    1 
ATOM   36  N N4    . DC  A 1 2  ? -2.196  -5.593  -6.685  1.00 23.34 ? 2   DC  A N4    1 
ATOM   37  C C5    . DC  A 1 2  ? 0.025   -6.533  -6.833  1.00 25.83 ? 2   DC  A C5    1 
ATOM   38  C C6    . DC  A 1 2  ? 1.120   -6.700  -7.595  1.00 26.47 ? 2   DC  A C6    1 
ATOM   39  P P     . DG  A 1 3  ? 6.228   -4.064  -8.222  1.00 28.29 ? 3   DG  A P     1 
ATOM   40  O OP1   . DG  A 1 3  ? 7.656   -3.873  -8.635  1.00 31.16 ? 3   DG  A OP1   1 
ATOM   41  O OP2   . DG  A 1 3  ? 5.833   -3.931  -6.768  1.00 30.36 ? 3   DG  A OP2   1 
ATOM   42  O "O5'" . DG  A 1 3  ? 5.317   -3.071  -9.049  1.00 25.97 ? 3   DG  A "O5'" 1 
ATOM   43  C "C5'" . DG  A 1 3  ? 4.933   -1.811  -8.518  1.00 27.63 ? 3   DG  A "C5'" 1 
ATOM   44  C "C4'" . DG  A 1 3  ? 3.918   -1.188  -9.437  1.00 28.11 ? 3   DG  A "C4'" 1 
ATOM   45  O "O4'" . DG  A 1 3  ? 2.755   -2.021  -9.449  1.00 27.25 ? 3   DG  A "O4'" 1 
ATOM   46  C "C3'" . DG  A 1 3  ? 3.425   0.177   -8.985  1.00 27.48 ? 3   DG  A "C3'" 1 
ATOM   47  O "O3'" . DG  A 1 3  ? 4.270   1.195   -9.508  1.00 27.90 ? 3   DG  A "O3'" 1 
ATOM   48  C "C2'" . DG  A 1 3  ? 2.039   0.243   -9.577  1.00 29.07 ? 3   DG  A "C2'" 1 
ATOM   49  C "C1'" . DG  A 1 3  ? 1.590   -1.209  -9.524  1.00 29.10 ? 3   DG  A "C1'" 1 
ATOM   50  N N9    . DG  A 1 3  ? 0.757   -1.536  -8.374  1.00 26.89 ? 3   DG  A N9    1 
ATOM   51  C C8    . DG  A 1 3  ? 1.003   -2.475  -7.402  1.00 24.83 ? 3   DG  A C8    1 
ATOM   52  N N7    . DG  A 1 3  ? 0.021   -2.581  -6.546  1.00 27.50 ? 3   DG  A N7    1 
ATOM   53  C C5    . DG  A 1 3  ? -0.916  -1.646  -6.968  1.00 26.58 ? 3   DG  A C5    1 
ATOM   54  C C6    . DG  A 1 3  ? -2.193  -1.324  -6.439  1.00 25.48 ? 3   DG  A C6    1 
ATOM   55  O O6    . DG  A 1 3  ? -2.778  -1.864  -5.494  1.00 26.35 ? 3   DG  A O6    1 
ATOM   56  N N1    . DG  A 1 3  ? -2.802  -0.294  -7.147  1.00 24.31 ? 3   DG  A N1    1 
ATOM   57  C C2    . DG  A 1 3  ? -2.262  0.336   -8.246  1.00 26.92 ? 3   DG  A C2    1 
ATOM   58  N N2    . DG  A 1 3  ? -3.005  1.342   -8.797  1.00 26.05 ? 3   DG  A N2    1 
ATOM   59  N N3    . DG  A 1 3  ? -1.076  0.013   -8.776  1.00 23.59 ? 3   DG  A N3    1 
ATOM   60  C C4    . DG  A 1 3  ? -0.470  -0.977  -8.084  1.00 26.52 ? 3   DG  A C4    1 
ATOM   61  P P     . DT  A 1 4  ? 4.534   2.504   -8.640  1.00 29.73 ? 4   DT  A P     1 
ATOM   62  O OP1   . DT  A 1 4  ? 5.641   3.254   -9.326  1.00 33.94 ? 4   DT  A OP1   1 
ATOM   63  O OP2   . DT  A 1 4  ? 4.692   2.110   -7.232  1.00 29.41 ? 4   DT  A OP2   1 
ATOM   64  O "O5'" . DT  A 1 4  ? 3.161   3.311   -8.779  1.00 28.35 ? 4   DT  A "O5'" 1 
ATOM   65  C "C5'" . DT  A 1 4  ? 2.818   4.004   -9.999  1.00 26.42 ? 4   DT  A "C5'" 1 
ATOM   66  C "C4'" . DT  A 1 4  ? 1.613   4.893   -9.776  1.00 26.88 ? 4   DT  A "C4'" 1 
ATOM   67  O "O4'" . DT  A 1 4  ? 0.420   4.099   -9.571  1.00 27.80 ? 4   DT  A "O4'" 1 
ATOM   68  C "C3'" . DT  A 1 4  ? 1.714   5.757   -8.531  1.00 28.24 ? 4   DT  A "C3'" 1 
ATOM   69  O "O3'" . DT  A 1 4  ? 2.459   6.964   -8.753  1.00 28.76 ? 4   DT  A "O3'" 1 
ATOM   70  C "C2'" . DT  A 1 4  ? 0.262   6.007   -8.169  1.00 27.26 ? 4   DT  A "C2'" 1 
ATOM   71  C "C1'" . DT  A 1 4  ? -0.423  4.715   -8.583  1.00 27.60 ? 4   DT  A "C1'" 1 
ATOM   72  N N1    . DT  A 1 4  ? -0.605  3.742   -7.473  1.00 24.99 ? 4   DT  A N1    1 
ATOM   73  C C2    . DT  A 1 4  ? -1.808  3.725   -6.792  1.00 23.38 ? 4   DT  A C2    1 
ATOM   74  O O2    . DT  A 1 4  ? -2.705  4.508   -7.019  1.00 24.07 ? 4   DT  A O2    1 
ATOM   75  N N3    . DT  A 1 4  ? -1.911  2.746   -5.810  1.00 24.25 ? 4   DT  A N3    1 
ATOM   76  C C4    . DT  A 1 4  ? -0.934  1.836   -5.429  1.00 23.01 ? 4   DT  A C4    1 
ATOM   77  O O4    . DT  A 1 4  ? -1.176  1.003   -4.539  1.00 21.99 ? 4   DT  A O4    1 
ATOM   78  C C5    . DT  A 1 4  ? 0.333   1.952   -6.156  1.00 24.62 ? 4   DT  A C5    1 
ATOM   79  C C7    . DT  A 1 4  ? 1.483   1.071   -5.777  1.00 25.38 ? 4   DT  A C7    1 
ATOM   80  C C6    . DT  A 1 4  ? 0.417   2.871   -7.138  1.00 24.77 ? 4   DT  A C6    1 
ATOM   81  P P     . DA  A 1 5  ? 3.277   7.592   -7.541  1.00 32.08 ? 5   DA  A P     1 
ATOM   82  O OP1   . DA  A 1 5  ? 3.956   8.815   -8.056  1.00 36.31 ? 5   DA  A OP1   1 
ATOM   83  O OP2   . DA  A 1 5  ? 4.093   6.543   -6.848  1.00 31.08 ? 5   DA  A OP2   1 
ATOM   84  O "O5'" . DA  A 1 5  ? 2.108   8.042   -6.542  1.00 30.21 ? 5   DA  A "O5'" 1 
ATOM   85  C "C5'" . DA  A 1 5  ? 2.259   7.938   -5.125  1.00 29.13 ? 5   DA  A "C5'" 1 
ATOM   86  C "C4'" . DA  A 1 5  ? 0.934   8.221   -4.459  1.00 26.10 ? 5   DA  A "C4'" 1 
ATOM   87  O "O4'" . DA  A 1 5  ? -0.007  7.204   -4.837  1.00 27.85 ? 5   DA  A "O4'" 1 
ATOM   88  C "C3'" . DA  A 1 5  ? 0.914   8.215   -2.934  1.00 26.04 ? 5   DA  A "C3'" 1 
ATOM   89  O "O3'" . DA  A 1 5  ? 1.357   9.470   -2.439  1.00 28.52 ? 5   DA  A "O3'" 1 
ATOM   90  C "C2'" . DA  A 1 5  ? -0.552  7.952   -2.643  1.00 26.34 ? 5   DA  A "C2'" 1 
ATOM   91  C "C1'" . DA  A 1 5  ? -0.923  6.967   -3.761  1.00 26.38 ? 5   DA  A "C1'" 1 
ATOM   92  N N9    . DA  A 1 5  ? -0.749  5.581   -3.336  1.00 25.17 ? 5   DA  A N9    1 
ATOM   93  C C8    . DA  A 1 5  ? 0.274   4.702   -3.617  1.00 25.85 ? 5   DA  A C8    1 
ATOM   94  N N7    . DA  A 1 5  ? 0.130   3.526   -3.050  1.00 25.22 ? 5   DA  A N7    1 
ATOM   95  C C5    . DA  A 1 5  ? -1.063  3.635   -2.355  1.00 24.67 ? 5   DA  A C5    1 
ATOM   96  C C6    . DA  A 1 5  ? -1.785  2.729   -1.547  1.00 24.09 ? 5   DA  A C6    1 
ATOM   97  N N6    . DA  A 1 5  ? -1.367  1.488   -1.251  1.00 21.30 ? 5   DA  A N6    1 
ATOM   98  N N1    . DA  A 1 5  ? -2.964  3.152   -1.034  1.00 23.17 ? 5   DA  A N1    1 
ATOM   99  C C2    . DA  A 1 5  ? -3.364  4.398   -1.291  1.00 25.25 ? 5   DA  A C2    1 
ATOM   100 N N3    . DA  A 1 5  ? -2.771  5.346   -2.010  1.00 24.86 ? 5   DA  A N3    1 
ATOM   101 C C4    . DA  A 1 5  ? -1.617  4.893   -2.529  1.00 25.36 ? 5   DA  A C4    1 
HETATM 102 P P     . 3ME A 1 6  ? 2.095   9.555   -1.016  1.00 30.76 ? 6   3ME A P     1 
HETATM 103 O OP1   . 3ME A 1 6  ? 2.394   11.010  -0.854  1.00 34.76 ? 6   3ME A OP1   1 
HETATM 104 O OP2   . 3ME A 1 6  ? 3.202   8.562   -0.933  1.00 29.01 ? 6   3ME A OP2   1 
HETATM 105 O "O5'" . 3ME A 1 6  ? 0.953   9.179   0.006   1.00 30.02 ? 6   3ME A "O5'" 1 
HETATM 106 C "C5'" . 3ME A 1 6  ? -0.175  10.027  0.149   1.00 30.67 ? 6   3ME A "C5'" 1 
HETATM 107 C "C4'" . 3ME A 1 6  ? -1.159  9.414   1.093   1.00 28.14 ? 6   3ME A "C4'" 1 
HETATM 108 O "O4'" . 3ME A 1 6  ? -1.753  8.219   0.514   1.00 27.39 ? 6   3ME A "O4'" 1 
HETATM 109 C "C1'" . 3ME A 1 6  ? -2.012  7.277   1.546   1.00 26.32 ? 6   3ME A "C1'" 1 
HETATM 110 N N1    . 3ME A 1 6  ? -1.196  6.061   1.297   1.00 24.26 ? 6   3ME A N1    1 
HETATM 111 C C6    . 3ME A 1 6  ? -0.019  6.106   0.593   1.00 26.85 ? 6   3ME A C6    1 
HETATM 112 C C2    . 3ME A 1 6  ? -1.672  4.879   1.817   1.00 24.98 ? 6   3ME A C2    1 
HETATM 113 O O2    . 3ME A 1 6  ? -2.694  4.818   2.471   1.00 26.07 ? 6   3ME A O2    1 
HETATM 114 N N3    . 3ME A 1 6  ? -0.890  3.773   1.558   1.00 23.49 ? 6   3ME A N3    1 
HETATM 115 C C4    . 3ME A 1 6  ? 0.310   3.751   0.889   1.00 27.28 ? 6   3ME A C4    1 
HETATM 116 O O4    . 3ME A 1 6  ? 0.930   2.688   0.761   1.00 23.08 ? 6   3ME A O4    1 
HETATM 117 C C5    . 3ME A 1 6  ? 0.755   5.026   0.380   1.00 27.16 ? 6   3ME A C5    1 
HETATM 118 C C5A   . 3ME A 1 6  ? 2.055   5.086   -0.358  1.00 25.32 ? 6   3ME A C5A   1 
HETATM 119 C "C2'" . 3ME A 1 6  ? -1.646  7.946   2.871   1.00 27.06 ? 6   3ME A "C2'" 1 
HETATM 120 O "O2'" . 3ME A 1 6  ? -2.811  8.742   3.178   1.00 27.98 ? 6   3ME A "O2'" 1 
HETATM 121 C "CB'" . 3ME A 1 6  ? -3.877  8.032   3.800   1.00 31.17 ? 6   3ME A "CB'" 1 
HETATM 122 C "CC'" . 3ME A 1 6  ? -5.240  8.684   3.647   1.00 38.79 ? 6   3ME A "CC'" 1 
HETATM 123 O "OD'" . 3ME A 1 6  ? -5.060  10.074  3.841   1.00 46.02 ? 6   3ME A "OD'" 1 
HETATM 124 C "CE'" . 3ME A 1 6  ? -4.648  10.404  5.158   1.00 47.11 ? 6   3ME A "CE'" 1 
HETATM 125 C "CF'" . 3ME A 1 6  ? -4.701  11.909  5.450   1.00 50.15 ? 6   3ME A "CF'" 1 
HETATM 126 N "NG'" . 3ME A 1 6  ? -5.931  12.358  6.077   1.00 52.26 ? 6   3ME A "NG'" 1 
HETATM 127 C "CI'" . 3ME A 1 6  ? -7.006  12.462  5.098   1.00 52.48 ? 6   3ME A "CI'" 1 
HETATM 128 C "CJ'" . 3ME A 1 6  ? -5.761  13.578  6.863   1.00 53.88 ? 6   3ME A "CJ'" 1 
HETATM 129 C "C3'" . 3ME A 1 6  ? -0.576  8.923   2.404   1.00 29.22 ? 6   3ME A "C3'" 1 
HETATM 130 O "O3'" . 3ME A 1 6  ? -0.311  9.975   3.320   1.00 29.55 ? 6   3ME A "O3'" 1 
ATOM   131 P P     . DA  A 1 7  ? 0.837   9.797   4.417   1.00 28.60 ? 7   DA  A P     1 
ATOM   132 O OP1   . DA  A 1 7  ? 1.011   11.107  5.148   1.00 32.20 ? 7   DA  A OP1   1 
ATOM   133 O OP2   . DA  A 1 7  ? 2.001   9.153   3.768   1.00 29.80 ? 7   DA  A OP2   1 
ATOM   134 O "O5'" . DA  A 1 7  ? 0.213   8.747   5.446   1.00 28.53 ? 7   DA  A "O5'" 1 
ATOM   135 C "C5'" . DA  A 1 7  ? -0.927  9.128   6.272   1.00 28.79 ? 7   DA  A "C5'" 1 
ATOM   136 C "C4'" . DA  A 1 7  ? -1.393  7.962   7.112   1.00 26.13 ? 7   DA  A "C4'" 1 
ATOM   137 O "O4'" . DA  A 1 7  ? -1.893  6.938   6.225   1.00 27.41 ? 7   DA  A "O4'" 1 
ATOM   138 C "C3'" . DA  A 1 7  ? -0.307  7.260   7.931   1.00 26.99 ? 7   DA  A "C3'" 1 
ATOM   139 O "O3'" . DA  A 1 7  ? -0.059  7.915   9.183   1.00 27.12 ? 7   DA  A "O3'" 1 
ATOM   140 C "C2'" . DA  A 1 7  ? -0.908  5.876   8.113   1.00 26.47 ? 7   DA  A "C2'" 1 
ATOM   141 C "C1'" . DA  A 1 7  ? -1.614  5.640   6.774   1.00 26.46 ? 7   DA  A "C1'" 1 
ATOM   142 N N9    . DA  A 1 7  ? -0.719  4.926   5.843   1.00 23.92 ? 7   DA  A N9    1 
ATOM   143 C C8    . DA  A 1 7  ? 0.166   5.433   4.925   1.00 25.27 ? 7   DA  A C8    1 
ATOM   144 N N7    . DA  A 1 7  ? 0.879   4.505   4.307   1.00 24.00 ? 7   DA  A N7    1 
ATOM   145 C C5    . DA  A 1 7  ? 0.398   3.316   4.836   1.00 24.04 ? 7   DA  A C5    1 
ATOM   146 C C6    . DA  A 1 7  ? 0.727   1.961   4.615   1.00 23.59 ? 7   DA  A C6    1 
ATOM   147 N N6    . DA  A 1 7  ? 1.627   1.527   3.716   1.00 24.33 ? 7   DA  A N6    1 
ATOM   148 N N1    . DA  A 1 7  ? 0.081   1.040   5.350   1.00 23.49 ? 7   DA  A N1    1 
ATOM   149 C C2    . DA  A 1 7  ? -0.842  1.429   6.226   1.00 24.51 ? 7   DA  A C2    1 
ATOM   150 N N3    . DA  A 1 7  ? -1.258  2.657   6.504   1.00 24.09 ? 7   DA  A N3    1 
ATOM   151 C C4    . DA  A 1 7  ? -0.587  3.565   5.777   1.00 25.02 ? 7   DA  A C4    1 
ATOM   152 P P     . DC  A 1 8  ? 1.353   7.711   9.931   1.00 29.79 ? 8   DC  A P     1 
ATOM   153 O OP1   . DC  A 1 8  ? 1.362   8.657   11.077  1.00 31.18 ? 8   DC  A OP1   1 
ATOM   154 O OP2   . DC  A 1 8  ? 2.420   7.778   8.919   1.00 29.51 ? 8   DC  A OP2   1 
ATOM   155 O "O5'" . DC  A 1 8  ? 1.294   6.230   10.503  1.00 26.88 ? 8   DC  A "O5'" 1 
ATOM   156 C "C5'" . DC  A 1 8  ? 0.266   5.832   11.398  1.00 27.48 ? 8   DC  A "C5'" 1 
ATOM   157 C "C4'" . DC  A 1 8  ? 0.298   4.337   11.605  1.00 24.91 ? 8   DC  A "C4'" 1 
ATOM   158 O "O4'" . DC  A 1 8  ? -0.014  3.673   10.366  1.00 24.28 ? 8   DC  A "O4'" 1 
ATOM   159 C "C3'" . DC  A 1 8  ? 1.633   3.732   12.022  1.00 25.77 ? 8   DC  A "C3'" 1 
ATOM   160 O "O3'" . DC  A 1 8  ? 1.871   3.822   13.409  1.00 28.48 ? 8   DC  A "O3'" 1 
ATOM   161 C "C2'" . DC  A 1 8  ? 1.467   2.288   11.603  1.00 25.51 ? 8   DC  A "C2'" 1 
ATOM   162 C "C1'" . DC  A 1 8  ? 0.658   2.424   10.320  1.00 24.14 ? 8   DC  A "C1'" 1 
ATOM   163 N N1    . DC  A 1 8  ? 1.538   2.423   9.138   1.00 25.53 ? 8   DC  A N1    1 
ATOM   164 C C2    . DC  A 1 8  ? 1.864   1.182   8.572   1.00 25.42 ? 8   DC  A C2    1 
ATOM   165 O O2    . DC  A 1 8  ? 1.381   0.138   9.084   1.00 24.09 ? 8   DC  A O2    1 
ATOM   166 N N3    . DC  A 1 8  ? 2.691   1.146   7.495   1.00 25.46 ? 8   DC  A N3    1 
ATOM   167 C C4    . DC  A 1 8  ? 3.184   2.275   6.998   1.00 25.41 ? 8   DC  A C4    1 
ATOM   168 N N4    . DC  A 1 8  ? 3.976   2.193   5.928   1.00 25.55 ? 8   DC  A N4    1 
ATOM   169 C C5    . DC  A 1 8  ? 2.878   3.550   7.563   1.00 25.38 ? 8   DC  A C5    1 
ATOM   170 C C6    . DC  A 1 8  ? 2.046   3.578   8.615   1.00 25.48 ? 8   DC  A C6    1 
ATOM   171 P P     . DG  A 1 9  ? 3.380   3.786   13.939  1.00 29.12 ? 9   DG  A P     1 
ATOM   172 O OP1   . DG  A 1 9  ? 3.334   4.138   15.384  1.00 30.62 ? 9   DG  A OP1   1 
ATOM   173 O OP2   . DG  A 1 9  ? 4.221   4.558   13.025  1.00 33.66 ? 9   DG  A OP2   1 
ATOM   174 O "O5'" . DG  A 1 9  ? 3.791   2.258   13.784  1.00 26.73 ? 9   DG  A "O5'" 1 
ATOM   175 C "C5'" . DG  A 1 9  ? 3.093   1.229   14.486  1.00 24.22 ? 9   DG  A "C5'" 1 
ATOM   176 C "C4'" . DG  A 1 9  ? 3.645   -0.129  14.114  1.00 26.10 ? 9   DG  A "C4'" 1 
ATOM   177 O "O4'" . DG  A 1 9  ? 3.296   -0.487  12.769  1.00 25.93 ? 9   DG  A "O4'" 1 
ATOM   178 C "C3'" . DG  A 1 9  ? 5.156   -0.252  14.150  1.00 25.08 ? 9   DG  A "C3'" 1 
ATOM   179 O "O3'" . DG  A 1 9  ? 5.646   -0.502  15.451  1.00 28.08 ? 9   DG  A "O3'" 1 
ATOM   180 C "C2'" . DG  A 1 9  ? 5.402   -1.467  13.275  1.00 26.51 ? 9   DG  A "C2'" 1 
ATOM   181 C "C1'" . DG  A 1 9  ? 4.344   -1.296  12.203  1.00 25.46 ? 9   DG  A "C1'" 1 
ATOM   182 N N9    . DG  A 1 9  ? 4.898   -0.587  11.059  1.00 23.90 ? 9   DG  A N9    1 
ATOM   183 C C8    . DG  A 1 9  ? 4.794   0.744   10.751  1.00 23.63 ? 9   DG  A C8    1 
ATOM   184 N N7    . DG  A 1 9  ? 5.418   1.069   9.649   1.00 25.62 ? 9   DG  A N7    1 
ATOM   185 C C5    . DG  A 1 9  ? 5.970   -0.125  9.202   1.00 25.37 ? 9   DG  A C5    1 
ATOM   186 C C6    . DG  A 1 9  ? 6.757   -0.402  8.052   1.00 25.91 ? 9   DG  A C6    1 
ATOM   187 O O6    . DG  A 1 9  ? 7.099   0.375   7.152   1.00 27.06 ? 9   DG  A O6    1 
ATOM   188 N N1    . DG  A 1 9  ? 7.134   -1.745  8.009   1.00 27.40 ? 9   DG  A N1    1 
ATOM   189 C C2    . DG  A 1 9  ? 6.792   -2.696  8.944   1.00 27.83 ? 9   DG  A C2    1 
ATOM   190 N N2    . DG  A 1 9  ? 7.267   -3.943  8.761   1.00 26.52 ? 9   DG  A N2    1 
ATOM   191 N N3    . DG  A 1 9  ? 6.039   -2.446  9.996   1.00 27.49 ? 9   DG  A N3    1 
ATOM   192 C C4    . DG  A 1 9  ? 5.672   -1.153  10.063  1.00 24.97 ? 9   DG  A C4    1 
ATOM   193 P P     . DC  A 1 10 ? 7.155   -0.132  15.783  1.00 29.98 ? 10  DC  A P     1 
ATOM   194 O OP1   . DC  A 1 10 ? 7.256   -0.508  17.215  1.00 32.85 ? 10  DC  A OP1   1 
ATOM   195 O OP2   . DC  A 1 10 ? 7.487   1.226   15.333  1.00 28.34 ? 10  DC  A OP2   1 
ATOM   196 O "O5'" . DC  A 1 10 ? 8.040   -1.153  14.925  1.00 26.20 ? 10  DC  A "O5'" 1 
ATOM   197 C "C5'" . DC  A 1 10 ? 8.089   -2.513  15.265  1.00 22.87 ? 10  DC  A "C5'" 1 
ATOM   198 C "C4'" . DC  A 1 10 ? 9.083   -3.239  14.389  1.00 24.09 ? 10  DC  A "C4'" 1 
ATOM   199 O "O4'" . DC  A 1 10 ? 8.648   -3.259  13.007  1.00 25.55 ? 10  DC  A "O4'" 1 
ATOM   200 C "C3'" . DC  A 1 10 ? 10.494  -2.664  14.349  1.00 25.66 ? 10  DC  A "C3'" 1 
ATOM   201 O "O3'" . DC  A 1 10 ? 11.289  -3.166  15.440  1.00 23.90 ? 10  DC  A "O3'" 1 
ATOM   202 C "C2'" . DC  A 1 10 ? 11.028  -3.198  13.029  1.00 23.91 ? 10  DC  A "C2'" 1 
ATOM   203 C "C1'" . DC  A 1 10 ? 9.788   -3.248  12.137  1.00 24.67 ? 10  DC  A "C1'" 1 
ATOM   204 N N1    . DC  A 1 10 ? 9.706   -2.064  11.279  1.00 26.62 ? 10  DC  A N1    1 
ATOM   205 C C2    . DC  A 1 10 ? 10.339  -2.105  10.028  1.00 27.50 ? 10  DC  A C2    1 
ATOM   206 O O2    . DC  A 1 10 ? 10.904  -3.174  9.668   1.00 28.25 ? 10  DC  A O2    1 
ATOM   207 N N3    . DC  A 1 10 ? 10.320  -1.011  9.247   1.00 26.97 ? 10  DC  A N3    1 
ATOM   208 C C4    . DC  A 1 10 ? 9.692   0.100   9.650   1.00 27.17 ? 10  DC  A C4    1 
ATOM   209 N N4    . DC  A 1 10 ? 9.727   1.175   8.829   1.00 25.31 ? 10  DC  A N4    1 
ATOM   210 C C5    . DC  A 1 10 ? 9.011   0.164   10.910  1.00 27.97 ? 10  DC  A C5    1 
ATOM   211 C C6    . DC  A 1 10 ? 9.043   -0.934  11.682  1.00 28.10 ? 10  DC  A C6    1 
ATOM   212 O "O5'" . DG  B 1 1  ? 12.858  -0.787  -0.876  1.00 47.80 ? 11  DG  B "O5'" 1 
ATOM   213 C "C5'" . DG  B 1 1  ? 13.765  -1.856  -1.212  1.00 42.81 ? 11  DG  B "C5'" 1 
ATOM   214 C "C4'" . DG  B 1 1  ? 13.998  -2.793  -0.049  1.00 38.91 ? 11  DG  B "C4'" 1 
ATOM   215 O "O4'" . DG  B 1 1  ? 14.510  -2.053  1.075   1.00 40.84 ? 11  DG  B "O4'" 1 
ATOM   216 C "C3'" . DG  B 1 1  ? 12.739  -3.462  0.472   1.00 40.22 ? 11  DG  B "C3'" 1 
ATOM   217 O "O3'" . DG  B 1 1  ? 12.422  -4.653  -0.248  1.00 37.06 ? 11  DG  B "O3'" 1 
ATOM   218 C "C2'" . DG  B 1 1  ? 13.074  -3.745  1.925   1.00 37.97 ? 11  DG  B "C2'" 1 
ATOM   219 C "C1'" . DG  B 1 1  ? 13.989  -2.584  2.299   1.00 37.99 ? 11  DG  B "C1'" 1 
ATOM   220 N N9    . DG  B 1 1  ? 13.343  -1.497  3.040   1.00 35.40 ? 11  DG  B N9    1 
ATOM   221 C C8    . DG  B 1 1  ? 13.164  -0.189  2.642   1.00 35.72 ? 11  DG  B C8    1 
ATOM   222 N N7    . DG  B 1 1  ? 12.553  0.547   3.547   1.00 34.50 ? 11  DG  B N7    1 
ATOM   223 C C5    . DG  B 1 1  ? 12.313  -0.331  4.603   1.00 33.86 ? 11  DG  B C5    1 
ATOM   224 C C6    . DG  B 1 1  ? 11.677  -0.112  5.864   1.00 33.00 ? 11  DG  B C6    1 
ATOM   225 O O6    . DG  B 1 1  ? 11.194  0.936   6.307   1.00 32.22 ? 11  DG  B O6    1 
ATOM   226 N N1    . DG  B 1 1  ? 11.640  -1.276  6.631   1.00 30.20 ? 11  DG  B N1    1 
ATOM   227 C C2    . DG  B 1 1  ? 12.144  -2.490  6.242   1.00 33.19 ? 11  DG  B C2    1 
ATOM   228 N N2    . DG  B 1 1  ? 12.009  -3.508  7.129   1.00 29.09 ? 11  DG  B N2    1 
ATOM   229 N N3    . DG  B 1 1  ? 12.742  -2.706  5.069   1.00 33.14 ? 11  DG  B N3    1 
ATOM   230 C C4    . DG  B 1 1  ? 12.793  -1.594  4.311   1.00 34.64 ? 11  DG  B C4    1 
ATOM   231 P P     . DC  B 1 2  ? 10.899  -5.102  -0.350  1.00 41.59 ? 12  DC  B P     1 
ATOM   232 O OP1   . DC  B 1 2  ? 10.740  -6.233  -1.299  1.00 42.91 ? 12  DC  B OP1   1 
ATOM   233 O OP2   . DC  B 1 2  ? 10.101  -3.869  -0.529  1.00 43.62 ? 12  DC  B OP2   1 
ATOM   234 O "O5'" . DC  B 1 2  ? 10.568  -5.697  1.090   1.00 41.19 ? 12  DC  B "O5'" 1 
ATOM   235 C "C5'" . DC  B 1 2  ? 11.171  -6.926  1.520   1.00 36.33 ? 12  DC  B "C5'" 1 
ATOM   236 C "C4'" . DC  B 1 2  ? 10.729  -7.240  2.926   1.00 34.48 ? 12  DC  B "C4'" 1 
ATOM   237 O "O4'" . DC  B 1 2  ? 11.141  -6.165  3.788   1.00 33.36 ? 12  DC  B "O4'" 1 
ATOM   238 C "C3'" . DC  B 1 2  ? 9.230   -7.292  3.100   1.00 33.90 ? 12  DC  B "C3'" 1 
ATOM   239 O "O3'" . DC  B 1 2  ? 8.672   -8.533  2.682   1.00 35.30 ? 12  DC  B "O3'" 1 
ATOM   240 C "C2'" . DC  B 1 2  ? 9.062   -6.993  4.580   1.00 32.44 ? 12  DC  B "C2'" 1 
ATOM   241 C "C1'" . DC  B 1 2  ? 10.167  -5.971  4.818   1.00 31.33 ? 12  DC  B "C1'" 1 
ATOM   242 N N1    . DC  B 1 2  ? 9.699   -4.567  4.752   1.00 30.02 ? 12  DC  B N1    1 
ATOM   243 C C2    . DC  B 1 2  ? 9.037   -4.053  5.867   1.00 29.54 ? 12  DC  B C2    1 
ATOM   244 O O2    . DC  B 1 2  ? 8.831   -4.814  6.822   1.00 27.90 ? 12  DC  B O2    1 
ATOM   245 N N3    . DC  B 1 2  ? 8.623   -2.756  5.862   1.00 28.98 ? 12  DC  B N3    1 
ATOM   246 C C4    . DC  B 1 2  ? 8.823   -1.995  4.781   1.00 28.94 ? 12  DC  B C4    1 
ATOM   247 N N4    . DC  B 1 2  ? 8.409   -0.722  4.818   1.00 26.94 ? 12  DC  B N4    1 
ATOM   248 C C5    . DC  B 1 2  ? 9.470   -2.509  3.610   1.00 28.60 ? 12  DC  B C5    1 
ATOM   249 C C6    . DC  B 1 2  ? 9.895   -3.786  3.648   1.00 29.05 ? 12  DC  B C6    1 
ATOM   250 P P     . DG  B 1 3  ? 7.191   -8.537  2.080   1.00 42.46 ? 13  DG  B P     1 
ATOM   251 O OP1   . DG  B 1 3  ? 6.765   -9.926  1.771   1.00 42.90 ? 13  DG  B OP1   1 
ATOM   252 O OP2   . DG  B 1 3  ? 7.161   -7.485  1.014   1.00 39.00 ? 13  DG  B OP2   1 
ATOM   253 O "O5'" . DG  B 1 3  ? 6.301   -8.080  3.314   1.00 35.82 ? 13  DG  B "O5'" 1 
ATOM   254 C "C5'" . DG  B 1 3  ? 6.248   -8.918  4.465   1.00 36.41 ? 13  DG  B "C5'" 1 
ATOM   255 C "C4'" . DG  B 1 3  ? 5.478   -8.258  5.581   1.00 34.08 ? 13  DG  B "C4'" 1 
ATOM   256 O "O4'" . DG  B 1 3  ? 6.154   -7.079  6.063   1.00 31.62 ? 13  DG  B "O4'" 1 
ATOM   257 C "C3'" . DG  B 1 3  ? 4.092   -7.760  5.226   1.00 28.80 ? 13  DG  B "C3'" 1 
ATOM   258 O "O3'" . DG  B 1 3  ? 3.171   -8.827  5.152   1.00 26.83 ? 13  DG  B "O3'" 1 
ATOM   259 C "C2'" . DG  B 1 3  ? 3.806   -6.817  6.379   1.00 29.68 ? 13  DG  B "C2'" 1 
ATOM   260 C "C1'" . DG  B 1 3  ? 5.161   -6.192  6.614   1.00 28.70 ? 13  DG  B "C1'" 1 
ATOM   261 N N9    . DG  B 1 3  ? 5.265   -4.902  5.944   1.00 30.62 ? 13  DG  B N9    1 
ATOM   262 C C8    . DG  B 1 3  ? 5.896   -4.579  4.770   1.00 28.22 ? 13  DG  B C8    1 
ATOM   263 N N7    . DG  B 1 3  ? 5.752   -3.320  4.439   1.00 27.64 ? 13  DG  B N7    1 
ATOM   264 C C5    . DG  B 1 3  ? 4.983   -2.785  5.466   1.00 26.63 ? 13  DG  B C5    1 
ATOM   265 C C6    . DG  B 1 3  ? 4.485   -1.460  5.677   1.00 25.28 ? 13  DG  B C6    1 
ATOM   266 O O6    . DG  B 1 3  ? 4.619   -0.471  4.993   1.00 24.74 ? 13  DG  B O6    1 
ATOM   267 N N1    . DG  B 1 3  ? 3.756   -1.380  6.857   1.00 23.78 ? 13  DG  B N1    1 
ATOM   268 C C2    . DG  B 1 3  ? 3.516   -2.423  7.712   1.00 25.87 ? 13  DG  B C2    1 
ATOM   269 N N2    . DG  B 1 3  ? 2.733   -2.159  8.790   1.00 23.06 ? 13  DG  B N2    1 
ATOM   270 N N3    . DG  B 1 3  ? 3.972   -3.639  7.540   1.00 26.71 ? 13  DG  B N3    1 
ATOM   271 C C4    . DG  B 1 3  ? 4.689   -3.748  6.405   1.00 27.04 ? 13  DG  B C4    1 
ATOM   272 P P     . DT  B 1 4  ? 1.824   -8.650  4.320   1.00 28.10 ? 14  DT  B P     1 
ATOM   273 O OP1   . DT  B 1 4  ? 1.076   -9.950  4.373   1.00 28.81 ? 14  DT  B OP1   1 
ATOM   274 O OP2   . DT  B 1 4  ? 2.076   -7.970  3.039   1.00 27.28 ? 14  DT  B OP2   1 
ATOM   275 O "O5'" . DT  B 1 4  ? 0.984   -7.613  5.223   1.00 27.45 ? 14  DT  B "O5'" 1 
ATOM   276 C "C5'" . DT  B 1 4  ? 0.483   -8.034  6.507   1.00 30.96 ? 14  DT  B "C5'" 1 
ATOM   277 C "C4'" . DT  B 1 4  ? -0.316  -6.934  7.168   1.00 26.54 ? 14  DT  B "C4'" 1 
ATOM   278 O "O4'" . DT  B 1 4  ? 0.543   -5.825  7.486   1.00 27.95 ? 14  DT  B "O4'" 1 
ATOM   279 C "C3'" . DT  B 1 4  ? -1.421  -6.316  6.326   1.00 27.19 ? 14  DT  B "C3'" 1 
ATOM   280 O "O3'" . DT  B 1 4  ? -2.605  -7.097  6.311   1.00 24.93 ? 14  DT  B "O3'" 1 
ATOM   281 C "C2'" . DT  B 1 4  ? -1.619  -4.965  6.989   1.00 24.82 ? 14  DT  B "C2'" 1 
ATOM   282 C "C1'" . DT  B 1 4  ? -0.203  -4.593  7.369   1.00 25.74 ? 14  DT  B "C1'" 1 
ATOM   283 N N1    . DT  B 1 4  ? 0.390   -3.769  6.286   1.00 24.92 ? 14  DT  B N1    1 
ATOM   284 C C2    . DT  B 1 4  ? 0.083   -2.417  6.313   1.00 25.60 ? 14  DT  B C2    1 
ATOM   285 O O2    . DT  B 1 4  ? -0.662  -1.926  7.161   1.00 24.72 ? 14  DT  B O2    1 
ATOM   286 N N3    . DT  B 1 4  ? 0.640   -1.676  5.305   1.00 24.51 ? 14  DT  B N3    1 
ATOM   287 C C4    . DT  B 1 4  ? 1.450   -2.147  4.272   1.00 24.94 ? 14  DT  B C4    1 
ATOM   288 O O4    . DT  B 1 4  ? 1.907   -1.367  3.446   1.00 24.70 ? 14  DT  B O4    1 
ATOM   289 C C5    . DT  B 1 4  ? 1.694   -3.570  4.279   1.00 25.57 ? 14  DT  B C5    1 
ATOM   290 C C7    . DT  B 1 4  ? 2.500   -4.162  3.158   1.00 24.83 ? 14  DT  B C7    1 
ATOM   291 C C6    . DT  B 1 4  ? 1.176   -4.302  5.278   1.00 25.95 ? 14  DT  B C6    1 
ATOM   292 P P     . DA  B 1 5  ? -3.580  -7.011  5.047   1.00 30.31 ? 15  DA  B P     1 
ATOM   293 O OP1   . DA  B 1 5  ? -4.644  -8.020  5.267   1.00 30.37 ? 15  DA  B OP1   1 
ATOM   294 O OP2   . DA  B 1 5  ? -2.851  -6.978  3.757   1.00 26.49 ? 15  DA  B OP2   1 
ATOM   295 O "O5'" . DA  B 1 5  ? -4.236  -5.574  5.195   1.00 27.28 ? 15  DA  B "O5'" 1 
ATOM   296 C "C5'" . DA  B 1 5  ? -5.017  -5.267  6.354   1.00 26.21 ? 15  DA  B "C5'" 1 
ATOM   297 C "C4'" . DA  B 1 5  ? -5.370  -3.806  6.360   1.00 23.50 ? 15  DA  B "C4'" 1 
ATOM   298 O "O4'" . DA  B 1 5  ? -4.180  -3.013  6.460   1.00 22.66 ? 15  DA  B "O4'" 1 
ATOM   299 C "C3'" . DA  B 1 5  ? -6.066  -3.304  5.102   1.00 24.41 ? 15  DA  B "C3'" 1 
ATOM   300 O "O3'" . DA  B 1 5  ? -7.460  -3.574  5.149   1.00 27.93 ? 15  DA  B "O3'" 1 
ATOM   301 C "C2'" . DA  B 1 5  ? -5.786  -1.814  5.146   1.00 26.22 ? 15  DA  B "C2'" 1 
ATOM   302 C "C1'" . DA  B 1 5  ? -4.391  -1.770  5.758   1.00 24.88 ? 15  DA  B "C1'" 1 
ATOM   303 N N9    . DA  B 1 5  ? -3.373  -1.662  4.721   1.00 22.83 ? 15  DA  B N9    1 
ATOM   304 C C8    . DA  B 1 5  ? -2.614  -2.665  4.170   1.00 23.37 ? 15  DA  B C8    1 
ATOM   305 N N7    . DA  B 1 5  ? -1.774  -2.244  3.245   1.00 22.40 ? 15  DA  B N7    1 
ATOM   306 C C5    . DA  B 1 5  ? -1.997  -0.871  3.196   1.00 22.87 ? 15  DA  B C5    1 
ATOM   307 C C6    . DA  B 1 5  ? -1.436  0.161   2.415   1.00 23.22 ? 15  DA  B C6    1 
ATOM   308 N N6    . DA  B 1 5  ? -0.469  -0.037  1.505   1.00 22.95 ? 15  DA  B N6    1 
ATOM   309 N N1    . DA  B 1 5  ? -1.908  1.424   2.599   1.00 24.04 ? 15  DA  B N1    1 
ATOM   310 C C2    . DA  B 1 5  ? -2.868  1.618   3.508   1.00 22.51 ? 15  DA  B C2    1 
ATOM   311 N N3    . DA  B 1 5  ? -3.472  0.733   4.299   1.00 23.12 ? 15  DA  B N3    1 
ATOM   312 C C4    . DA  B 1 5  ? -2.983  -0.506  4.097   1.00 23.13 ? 15  DA  B C4    1 
HETATM 313 P P     . 3ME B 1 6  ? -8.306  -3.623  3.786   1.00 27.73 ? 16  3ME B P     1 
HETATM 314 O OP1   . 3ME B 1 6  ? -9.656  -4.177  4.110   1.00 31.54 ? 16  3ME B OP1   1 
HETATM 315 O OP2   . 3ME B 1 6  ? -7.525  -4.224  2.680   1.00 27.34 ? 16  3ME B OP2   1 
HETATM 316 O "O5'" . 3ME B 1 6  ? -8.524  -2.108  3.406   1.00 26.74 ? 16  3ME B "O5'" 1 
HETATM 317 C "C5'" . 3ME B 1 6  ? -9.378  -1.276  4.178   1.00 23.89 ? 16  3ME B "C5'" 1 
HETATM 318 C "C4'" . 3ME B 1 6  ? -9.322  0.128   3.664   1.00 24.26 ? 16  3ME B "C4'" 1 
HETATM 319 O "O4'" . 3ME B 1 6  ? -7.991  0.663   3.813   1.00 23.75 ? 16  3ME B "O4'" 1 
HETATM 320 C "C1'" . 3ME B 1 6  ? -7.720  1.562   2.743   1.00 25.44 ? 16  3ME B "C1'" 1 
HETATM 321 N N1    . 3ME B 1 6  ? -6.597  1.038   1.951   1.00 25.27 ? 16  3ME B N1    1 
HETATM 322 C C6    . 3ME B 1 6  ? -6.299  -0.312  1.918   1.00 24.22 ? 16  3ME B C6    1 
HETATM 323 C C2    . 3ME B 1 6  ? -5.857  1.957   1.250   1.00 24.35 ? 16  3ME B C2    1 
HETATM 324 O O2    . 3ME B 1 6  ? -6.131  3.152   1.209   1.00 24.44 ? 16  3ME B O2    1 
HETATM 325 N N3    . 3ME B 1 6  ? -4.786  1.424   0.576   1.00 22.50 ? 16  3ME B N3    1 
HETATM 326 C C4    . 3ME B 1 6  ? -4.401  0.096   0.522   1.00 23.62 ? 16  3ME B C4    1 
HETATM 327 O O4    . 3ME B 1 6  ? -3.397  -0.224  -0.100  1.00 22.64 ? 16  3ME B O4    1 
HETATM 328 C C5    . 3ME B 1 6  ? -5.245  -0.824  1.251   1.00 23.61 ? 16  3ME B C5    1 
HETATM 329 C C5A   . 3ME B 1 6  ? -4.906  -2.285  1.258   1.00 23.67 ? 16  3ME B C5A   1 
HETATM 330 C "C2'" . 3ME B 1 6  ? -8.964  1.619   1.863   1.00 26.13 ? 16  3ME B "C2'" 1 
HETATM 331 O "O2'" . 3ME B 1 6  ? -9.857  2.572   2.429   1.00 29.38 ? 16  3ME B "O2'" 1 
HETATM 332 C "CB'" . 3ME B 1 6  ? -9.372  3.897   2.230   1.00 31.99 ? 16  3ME B "CB'" 1 
HETATM 333 C "CC'" . 3ME B 1 6  ? -10.330 4.903   2.847   1.00 36.29 ? 16  3ME B "CC'" 1 
HETATM 334 O "OD'" . 3ME B 1 6  ? -11.559 4.614   2.225   1.00 40.88 ? 16  3ME B "OD'" 1 
HETATM 335 C "CE'" . 3ME B 1 6  ? -12.587 5.602   2.308   1.00 46.88 ? 16  3ME B "CE'" 1 
HETATM 336 C "CF'" . 3ME B 1 6  ? -13.799 5.153   1.473   1.00 48.82 ? 16  3ME B "CF'" 1 
HETATM 337 N "NG'" . 3ME B 1 6  ? -13.492 4.749   0.097   1.00 51.05 ? 16  3ME B "NG'" 1 
HETATM 338 C "CI'" . 3ME B 1 6  ? -13.095 5.868   -0.755  1.00 50.60 ? 16  3ME B "CI'" 1 
HETATM 339 C "CJ'" . 3ME B 1 6  ? -14.546 3.994   -0.574  1.00 50.67 ? 16  3ME B "CJ'" 1 
HETATM 340 C "C3'" . 3ME B 1 6  ? -9.594  0.279   2.180   1.00 25.58 ? 16  3ME B "C3'" 1 
HETATM 341 O "O3'" . 3ME B 1 6  ? -10.945 0.249   1.826   1.00 31.54 ? 16  3ME B "O3'" 1 
ATOM   342 P P     . DA  B 1 7  ? -11.366 -0.385  0.411   1.00 30.25 ? 17  DA  B P     1 
ATOM   343 O OP1   . DA  B 1 7  ? -12.852 -0.499  0.442   1.00 31.89 ? 17  DA  B OP1   1 
ATOM   344 O OP2   . DA  B 1 7  ? -10.549 -1.580  0.078   1.00 31.80 ? 17  DA  B OP2   1 
ATOM   345 O "O5'" . DA  B 1 7  ? -10.983 0.741   -0.648  1.00 31.57 ? 17  DA  B "O5'" 1 
ATOM   346 C "C5'" . DA  B 1 7  ? -11.700 1.981   -0.684  1.00 30.47 ? 17  DA  B "C5'" 1 
ATOM   347 C "C4'" . DA  B 1 7  ? -11.053 2.950   -1.646  1.00 30.46 ? 17  DA  B "C4'" 1 
ATOM   348 O "O4'" . DA  B 1 7  ? -9.722  3.324   -1.206  1.00 32.72 ? 17  DA  B "O4'" 1 
ATOM   349 C "C3'" . DA  B 1 7  ? -10.849 2.449   -3.069  1.00 33.05 ? 17  DA  B "C3'" 1 
ATOM   350 O "O3'" . DA  B 1 7  ? -12.054 2.517   -3.848  1.00 34.18 ? 17  DA  B "O3'" 1 
ATOM   351 C "C2'" . DA  B 1 7  ? -9.774  3.388   -3.582  1.00 29.19 ? 17  DA  B "C2'" 1 
ATOM   352 C "C1'" . DA  B 1 7  ? -8.911  3.624   -2.352  1.00 31.04 ? 17  DA  B "C1'" 1 
ATOM   353 N N9    . DA  B 1 7  ? -7.781  2.700   -2.356  1.00 27.00 ? 17  DA  B N9    1 
ATOM   354 C C8    . DA  B 1 7  ? -7.696  1.464   -1.781  1.00 27.23 ? 17  DA  B C8    1 
ATOM   355 N N7    . DA  B 1 7  ? -6.566  0.834   -2.034  1.00 26.45 ? 17  DA  B N7    1 
ATOM   356 C C5    . DA  B 1 7  ? -5.852  1.741   -2.806  1.00 25.51 ? 17  DA  B C5    1 
ATOM   357 C C6    . DA  B 1 7  ? -4.600  1.664   -3.427  1.00 25.81 ? 17  DA  B C6    1 
ATOM   358 N N6    . DA  B 1 7  ? -3.782  0.604   -3.310  1.00 20.67 ? 17  DA  B N6    1 
ATOM   359 N N1    . DA  B 1 7  ? -4.211  2.722   -4.181  1.00 24.98 ? 17  DA  B N1    1 
ATOM   360 C C2    . DA  B 1 7  ? -5.024  3.782   -4.284  1.00 27.08 ? 17  DA  B C2    1 
ATOM   361 N N3    . DA  B 1 7  ? -6.226  3.975   -3.734  1.00 27.29 ? 17  DA  B N3    1 
ATOM   362 C C4    . DA  B 1 7  ? -6.586  2.900   -3.005  1.00 28.06 ? 17  DA  B C4    1 
ATOM   363 P P     . DC  B 1 8  ? -12.362 1.358   -4.907  1.00 34.30 ? 18  DC  B P     1 
ATOM   364 O OP1   . DC  B 1 8  ? -13.774 1.543   -5.368  1.00 37.02 ? 18  DC  B OP1   1 
ATOM   365 O OP2   . DC  B 1 8  ? -11.948 0.066   -4.345  1.00 33.35 ? 18  DC  B OP2   1 
ATOM   366 O "O5'" . DC  B 1 8  ? -11.422 1.719   -6.147  1.00 31.40 ? 18  DC  B "O5'" 1 
ATOM   367 C "C5'" . DC  B 1 8  ? -11.424 3.052   -6.683  1.00 33.78 ? 18  DC  B "C5'" 1 
ATOM   368 C "C4'" . DC  B 1 8  ? -10.179 3.301   -7.507  1.00 32.95 ? 18  DC  B "C4'" 1 
ATOM   369 O "O4'" . DC  B 1 8  ? -9.017  3.354   -6.654  1.00 30.92 ? 18  DC  B "O4'" 1 
ATOM   370 C "C3'" . DC  B 1 8  ? -9.839  2.259   -8.567  1.00 33.92 ? 18  DC  B "C3'" 1 
ATOM   371 O "O3'" . DC  B 1 8  ? -10.568 2.459   -9.785  1.00 34.03 ? 18  DC  B "O3'" 1 
ATOM   372 C "C2'" . DC  B 1 8  ? -8.354  2.487   -8.775  1.00 31.14 ? 18  DC  B "C2'" 1 
ATOM   373 C "C1'" . DC  B 1 8  ? -7.876  2.870   -7.382  1.00 32.71 ? 18  DC  B "C1'" 1 
ATOM   374 N N1    . DC  B 1 8  ? -7.335  1.698   -6.680  1.00 30.17 ? 18  DC  B N1    1 
ATOM   375 C C2    . DC  B 1 8  ? -5.978  1.381   -6.892  1.00 29.46 ? 18  DC  B C2    1 
ATOM   376 O O2    . DC  B 1 8  ? -5.299  2.126   -7.620  1.00 28.12 ? 18  DC  B O2    1 
ATOM   377 N N3    . DC  B 1 8  ? -5.455  0.286   -6.299  1.00 26.68 ? 18  DC  B N3    1 
ATOM   378 C C4    . DC  B 1 8  ? -6.211  -0.491  -5.518  1.00 27.66 ? 18  DC  B C4    1 
ATOM   379 N N4    . DC  B 1 8  ? -5.632  -1.580  -4.959  1.00 23.53 ? 18  DC  B N4    1 
ATOM   380 C C5    . DC  B 1 8  ? -7.594  -0.193  -5.272  1.00 27.26 ? 18  DC  B C5    1 
ATOM   381 C C6    . DC  B 1 8  ? -8.108  0.908   -5.868  1.00 29.02 ? 18  DC  B C6    1 
ATOM   382 P P     . DG  B 1 9  ? -10.654 1.269   -10.865 1.00 35.78 ? 19  DG  B P     1 
ATOM   383 O OP1   . DG  B 1 9  ? -11.465 1.786   -11.989 1.00 42.60 ? 19  DG  B OP1   1 
ATOM   384 O OP2   . DG  B 1 9  ? -10.973 -0.053  -10.298 1.00 37.40 ? 19  DG  B OP2   1 
ATOM   385 O "O5'" . DG  B 1 9  ? -9.160  1.124   -11.396 1.00 37.18 ? 19  DG  B "O5'" 1 
ATOM   386 C "C5'" . DG  B 1 9  ? -8.579  2.107   -12.243 1.00 32.15 ? 19  DG  B "C5'" 1 
ATOM   387 C "C4'" . DG  B 1 9  ? -7.138  1.750   -12.522 1.00 29.37 ? 19  DG  B "C4'" 1 
ATOM   388 O "O4'" . DG  B 1 9  ? -6.446  1.596   -11.256 1.00 29.60 ? 19  DG  B "O4'" 1 
ATOM   389 C "C3'" . DG  B 1 9  ? -6.849  0.445   -13.267 1.00 29.11 ? 19  DG  B "C3'" 1 
ATOM   390 O "O3'" . DG  B 1 9  ? -6.959  0.591   -14.700 1.00 29.10 ? 19  DG  B "O3'" 1 
ATOM   391 C "C2'" . DG  B 1 9  ? -5.411  0.183   -12.871 1.00 24.23 ? 19  DG  B "C2'" 1 
ATOM   392 C "C1'" . DG  B 1 9  ? -5.370  0.685   -11.430 1.00 29.09 ? 19  DG  B "C1'" 1 
ATOM   393 N N9    . DG  B 1 9  ? -5.505  -0.407  -10.468 1.00 25.51 ? 19  DG  B N9    1 
ATOM   394 C C8    . DG  B 1 9  ? -6.546  -0.721  -9.613  1.00 26.89 ? 19  DG  B C8    1 
ATOM   395 N N7    . DG  B 1 9  ? -6.272  -1.744  -8.838  1.00 25.91 ? 19  DG  B N7    1 
ATOM   396 C C5    . DG  B 1 9  ? -4.986  -2.126  -9.227  1.00 24.55 ? 19  DG  B C5    1 
ATOM   397 C C6    . DG  B 1 9  ? -4.135  -3.146  -8.746  1.00 24.43 ? 19  DG  B C6    1 
ATOM   398 O O6    . DG  B 1 9  ? -4.320  -3.936  -7.838  1.00 23.86 ? 19  DG  B O6    1 
ATOM   399 N N1    . DG  B 1 9  ? -2.933  -3.189  -9.440  1.00 22.43 ? 19  DG  B N1    1 
ATOM   400 C C2    . DG  B 1 9  ? -2.582  -2.355  -10.459 1.00 23.45 ? 19  DG  B C2    1 
ATOM   401 N N2    . DG  B 1 9  ? -1.371  -2.575  -11.013 1.00 23.28 ? 19  DG  B N2    1 
ATOM   402 N N3    . DG  B 1 9  ? -3.348  -1.392  -10.901 1.00 23.40 ? 19  DG  B N3    1 
ATOM   403 C C4    . DG  B 1 9  ? -4.527  -1.328  -10.245 1.00 24.86 ? 19  DG  B C4    1 
ATOM   404 P P     . DC  B 1 10 ? -7.110  -0.719  -15.639 1.00 29.21 ? 20  DC  B P     1 
ATOM   405 O OP1   . DC  B 1 10 ? -7.320  -0.202  -17.026 1.00 31.80 ? 20  DC  B OP1   1 
ATOM   406 O OP2   . DC  B 1 10 ? -8.060  -1.690  -15.057 1.00 32.22 ? 20  DC  B OP2   1 
ATOM   407 O "O5'" . DC  B 1 10 ? -5.694  -1.444  -15.624 1.00 29.32 ? 20  DC  B "O5'" 1 
ATOM   408 C "C5'" . DC  B 1 10 ? -4.539  -0.906  -16.270 1.00 25.86 ? 20  DC  B "C5'" 1 
ATOM   409 C "C4'" . DC  B 1 10 ? -3.395  -1.891  -16.147 1.00 24.28 ? 20  DC  B "C4'" 1 
ATOM   410 O "O4'" . DC  B 1 10 ? -3.088  -2.095  -14.743 1.00 23.75 ? 20  DC  B "O4'" 1 
ATOM   411 C "C3'" . DC  B 1 10 ? -3.657  -3.293  -16.684 1.00 24.99 ? 20  DC  B "C3'" 1 
ATOM   412 O "O3'" . DC  B 1 10 ? -3.304  -3.342  -18.088 1.00 31.29 ? 20  DC  B "O3'" 1 
ATOM   413 C "C2'" . DC  B 1 10 ? -2.705  -4.157  -15.873 1.00 25.11 ? 20  DC  B "C2'" 1 
ATOM   414 C "C1'" . DC  B 1 10 ? -2.631  -3.431  -14.531 1.00 23.48 ? 20  DC  B "C1'" 1 
ATOM   415 N N1    . DC  B 1 10 ? -3.458  -4.034  -13.474 1.00 24.23 ? 20  DC  B N1    1 
ATOM   416 C C2    . DC  B 1 10 ? -2.914  -5.073  -12.744 1.00 24.33 ? 20  DC  B C2    1 
ATOM   417 O O2    . DC  B 1 10 ? -1.794  -5.492  -13.070 1.00 23.63 ? 20  DC  B O2    1 
ATOM   418 N N3    . DC  B 1 10 ? -3.617  -5.607  -11.697 1.00 21.78 ? 20  DC  B N3    1 
ATOM   419 C C4    . DC  B 1 10 ? -4.820  -5.118  -11.394 1.00 25.56 ? 20  DC  B C4    1 
ATOM   420 N N4    . DC  B 1 10 ? -5.448  -5.606  -10.297 1.00 24.95 ? 20  DC  B N4    1 
ATOM   421 C C5    . DC  B 1 10 ? -5.438  -4.087  -12.178 1.00 26.30 ? 20  DC  B C5    1 
ATOM   422 C C6    . DC  B 1 10 ? -4.722  -3.572  -13.199 1.00 24.37 ? 20  DC  B C6    1 
HETATM 423 O O     . HOH C 2 .  ? 3.277   7.805   2.030   1.00 31.65 ? 101 HOH A O     1 
HETATM 424 O O     . HOH C 2 .  ? 10.498  -1.677  17.573  1.00 23.19 ? 102 HOH A O     1 
HETATM 425 O O     . HOH C 2 .  ? 0.240   -0.933  -2.961  1.00 42.53 ? 104 HOH A O     1 
HETATM 426 O O     . HOH C 2 .  ? 6.022   -4.789  11.576  1.00 31.17 ? 106 HOH A O     1 
HETATM 427 O O     . HOH C 2 .  ? 2.877   -1.882  -12.561 1.00 32.27 ? 108 HOH A O     1 
HETATM 428 O O     . HOH C 2 .  ? 8.041   -2.196  -11.044 1.00 43.21 ? 109 HOH A O     1 
HETATM 429 O O     . HOH C 2 .  ? 3.188   5.186   3.187   1.00 31.84 ? 111 HOH A O     1 
HETATM 430 O O     . HOH C 2 .  ? 2.012   -4.492  -12.627 1.00 25.86 ? 112 HOH A O     1 
HETATM 431 O O     . HOH C 2 .  ? 5.135   4.707   4.747   1.00 32.82 ? 113 HOH A O     1 
HETATM 432 O O     . HOH C 2 .  ? 4.826   7.063   -2.565  1.00 45.60 ? 114 HOH A O     1 
HETATM 433 O O     . HOH C 2 .  ? 4.142   11.057  -5.946  1.00 40.55 ? 115 HOH A O     1 
HETATM 434 O O     . HOH C 2 .  ? 3.526   12.182  1.652   1.00 43.90 ? 116 HOH A O     1 
HETATM 435 O O     . HOH C 2 .  ? 2.433   1.791   -2.243  1.00 35.58 ? 118 HOH A O     1 
HETATM 436 O O     . HOH C 2 .  ? 6.189   3.766   8.750   1.00 33.51 ? 119 HOH A O     1 
HETATM 437 O O     . HOH C 2 .  ? -5.655  7.862   0.369   1.00 43.52 ? 120 HOH A O     1 
HETATM 438 O O     . HOH C 2 .  ? 3.484   4.257   -5.663  1.00 32.63 ? 121 HOH A O     1 
HETATM 439 O O     A HOH C 2 .  ? 8.083   1.260   -9.597  0.50 38.49 ? 123 HOH A O     1 
HETATM 440 O O     B HOH C 2 .  ? 8.012   0.030   -8.182  0.50 46.97 ? 123 HOH A O     1 
HETATM 441 O O     . HOH C 2 .  ? -1.105  9.409   12.418  0.50 38.25 ? 126 HOH A O     1 
HETATM 442 O O     . HOH C 2 .  ? 4.300   8.554   -10.880 0.50 37.61 ? 127 HOH A O     1 
HETATM 443 O O     . HOH C 2 .  ? -4.255  7.849   -2.264  1.00 28.47 ? 128 HOH A O     1 
HETATM 444 O O     . HOH C 2 .  ? 9.746   1.113   17.792  1.00 39.92 ? 131 HOH A O     1 
HETATM 445 O O     . HOH C 2 .  ? 4.008   2.589   2.048   1.00 31.41 ? 133 HOH A O     1 
HETATM 446 O O     . HOH C 2 .  ? 6.106   7.449   -5.114  0.50 36.77 ? 134 HOH A O     1 
HETATM 447 O O     . HOH C 2 .  ? -3.540  10.498  -1.759  1.00 39.70 ? 135 HOH A O     1 
HETATM 448 O O     . HOH C 2 .  ? -4.416  5.025   4.597   1.00 29.25 ? 136 HOH A O     1 
HETATM 449 O O     . HOH C 2 .  ? -3.906  -4.487  -4.223  1.00 44.32 ? 138 HOH A O     1 
HETATM 450 O O     . HOH C 2 .  ? 5.467   0.227   -5.534  1.00 37.10 ? 142 HOH A O     1 
HETATM 451 O O     . HOH C 2 .  ? 6.936   6.088   -9.437  1.00 48.01 ? 143 HOH A O     1 
HETATM 452 O O     . HOH C 2 .  ? 3.474   7.601   6.333   1.00 45.91 ? 144 HOH A O     1 
HETATM 453 O O     . HOH C 2 .  ? 4.867   6.019   9.588   1.00 45.13 ? 145 HOH A O     1 
HETATM 454 O O     A HOH C 2 .  ? -2.193  -3.241  -3.414  0.50 27.62 ? 148 HOH A O     1 
HETATM 455 O O     B HOH C 2 .  ? -2.364  -2.392  -1.401  0.50 30.97 ? 148 HOH A O     1 
HETATM 456 O O     . HOH C 2 .  ? 0.066   -3.976  -4.098  1.00 37.23 ? 149 HOH A O     1 
HETATM 457 O O     . HOH C 2 .  ? 3.366   -1.703  -4.333  1.00 46.59 ? 150 HOH A O     1 
HETATM 458 O O     . HOH C 2 .  ? 6.727   -5.688  14.879  0.50 35.71 ? 151 HOH A O     1 
HETATM 459 O O     . HOH C 2 .  ? 2.869   1.590   -0.007  1.00 32.33 ? 152 HOH A O     1 
HETATM 460 O O     . HOH C 2 .  ? 3.652   13.380  -2.691  0.50 39.21 ? 153 HOH A O     1 
HETATM 461 O O     . HOH C 2 .  ? 7.502   2.691   6.060   1.00 40.40 ? 154 HOH A O     1 
HETATM 462 O O     . HOH C 2 .  ? -5.013  11.520  9.577   0.50 47.16 ? 159 HOH A O     1 
HETATM 463 O O     . HOH C 2 .  ? 3.441   -4.091  -5.817  1.00 39.13 ? 160 HOH A O     1 
HETATM 464 O O     . HOH C 2 .  ? 2.724   -5.904  -4.215  1.00 38.93 ? 161 HOH A O     1 
HETATM 465 O O     . HOH C 2 .  ? 7.019   11.813  -0.552  0.50 42.29 ? 163 HOH A O     1 
HETATM 466 O O     . HOH C 2 .  ? 0.740   -8.202  -3.396  0.50 30.57 ? 164 HOH A O     1 
HETATM 467 O O     . HOH C 2 .  ? 8.601   3.770   9.525   1.00 40.50 ? 165 HOH A O     1 
HETATM 468 O O     A HOH C 2 .  ? 7.569   3.268   -13.423 0.50 34.14 ? 166 HOH A O     1 
HETATM 469 O O     B HOH C 2 .  ? 6.085   3.889   -11.999 0.50 36.09 ? 166 HOH A O     1 
HETATM 470 O O     . HOH C 2 .  ? 8.243   2.126   -3.423  1.00 48.29 ? 167 HOH A O     1 
HETATM 471 O O     . HOH C 2 .  ? 7.663   3.760   -6.338  0.50 48.02 ? 168 HOH A O     1 
HETATM 472 O O     . HOH C 2 .  ? -4.230  -8.640  -5.077  0.50 36.76 ? 169 HOH A O     1 
HETATM 473 O O     . HOH C 2 .  ? 9.589   4.660   -8.512  0.50 45.93 ? 173 HOH A O     1 
HETATM 474 O O     . HOH C 2 .  ? 8.095   -6.308  17.406  0.50 28.96 ? 175 HOH A O     1 
HETATM 475 O O     . HOH C 2 .  ? 7.122   2.850   12.483  0.50 30.99 ? 177 HOH A O     1 
HETATM 476 O O     . HOH C 2 .  ? 6.627   3.512   16.852  0.50 45.02 ? 178 HOH A O     1 
HETATM 477 O O     . HOH C 2 .  ? -2.265  -6.646  -3.761  0.50 32.53 ? 180 HOH A O     1 
HETATM 478 O O     A HOH C 2 .  ? -3.953  12.702  0.234   0.50 38.24 ? 184 HOH A O     1 
HETATM 479 O O     B HOH C 2 .  ? -4.309  11.781  1.559   0.50 48.97 ? 184 HOH A O     1 
HETATM 480 O O     . HOH C 2 .  ? -2.053  12.460  12.315  0.50 50.81 ? 186 HOH A O     1 
HETATM 481 O O     . HOH C 2 .  ? 8.651   5.264   14.124  0.50 44.64 ? 187 HOH A O     1 
HETATM 482 O O     . HOH C 2 .  ? 4.912   -13.509 -5.813  0.50 36.93 ? 191 HOH A O     1 
HETATM 483 O O     . HOH C 2 .  ? -2.709  11.803  3.894   0.50 38.93 ? 195 HOH A O     1 
HETATM 484 O O     . HOH C 2 .  ? -1.497  15.122  5.405   0.50 36.14 ? 196 HOH A O     1 
HETATM 485 O O     . HOH C 2 .  ? -2.255  12.889  5.792   0.50 49.55 ? 197 HOH A O     1 
HETATM 486 O O     A HOH C 2 .  ? 5.609   -4.101  18.146  0.50 43.90 ? 199 HOH A O     1 
HETATM 487 O O     B HOH C 2 .  ? 6.193   -2.656  18.327  0.50 39.74 ? 199 HOH A O     1 
HETATM 488 O O     A HOH C 2 .  ? 4.159   -0.650  18.746  0.50 40.98 ? 201 HOH A O     1 
HETATM 489 O O     B HOH C 2 .  ? -11.494 -3.575  -14.630 0.50 32.87 ? 201 HOH A O     1 
HETATM 490 O O     . HOH C 2 .  ? -2.774  10.962  9.177   0.50 41.20 ? 204 HOH A O     1 
HETATM 491 O O     . HOH D 2 .  ? 3.640   -7.233  0.733   1.00 44.97 ? 103 HOH B O     1 
HETATM 492 O O     . HOH D 2 .  ? -0.867  -4.086  1.542   1.00 34.21 ? 105 HOH B O     1 
HETATM 493 O O     . HOH D 2 .  ? -12.201 -4.064  2.647   1.00 45.91 ? 107 HOH B O     1 
HETATM 494 O O     . HOH D 2 .  ? -2.489  -1.372  8.782   1.00 24.27 ? 110 HOH B O     1 
HETATM 495 O O     . HOH D 2 .  ? -6.567  -2.131  -1.747  1.00 32.44 ? 117 HOH B O     1 
HETATM 496 O O     . HOH D 2 .  ? 6.180   -2.266  1.756   1.00 40.32 ? 122 HOH B O     1 
HETATM 497 O O     . HOH D 2 .  ? -8.362  -4.877  -9.874  1.00 46.19 ? 125 HOH B O     1 
HETATM 498 O O     . HOH D 2 .  ? -6.228  -6.173  1.672   1.00 39.76 ? 129 HOH B O     1 
HETATM 499 O O     . HOH D 2 .  ? -7.965  -3.269  -7.414  1.00 35.39 ? 130 HOH B O     1 
HETATM 500 O O     . HOH D 2 .  ? 4.374   -5.346  9.762   1.00 35.49 ? 132 HOH B O     1 
HETATM 501 O O     . HOH D 2 .  ? -4.968  2.442   5.687   1.00 36.16 ? 137 HOH B O     1 
HETATM 502 O O     . HOH D 2 .  ? -10.964 -2.105  -6.008  0.50 38.52 ? 139 HOH B O     1 
HETATM 503 O O     . HOH D 2 .  ? -10.530 -1.415  -2.991  1.00 41.76 ? 140 HOH B O     1 
HETATM 504 O O     . HOH D 2 .  ? -8.267  -3.259  0.207   1.00 36.30 ? 141 HOH B O     1 
HETATM 505 O O     . HOH D 2 .  ? -6.827  6.678   -2.880  1.00 44.20 ? 146 HOH B O     1 
HETATM 506 O O     . HOH D 2 .  ? -8.306  -1.245  -18.834 0.50 36.52 ? 147 HOH B O     1 
HETATM 507 O O     . HOH D 2 .  ? 2.267   -14.390 6.855   0.50 42.45 ? 155 HOH B O     1 
HETATM 508 O O     . HOH D 2 .  ? -8.864  -2.538  -11.979 1.00 41.15 ? 156 HOH B O     1 
HETATM 509 O O     . HOH D 2 .  ? 3.080   -1.192  1.277   1.00 34.02 ? 157 HOH B O     1 
HETATM 510 O O     . HOH D 2 .  ? 6.185   1.324   2.942   1.00 47.21 ? 158 HOH B O     1 
HETATM 511 O O     . HOH D 2 .  ? -12.511 -9.947  3.292   0.50 47.34 ? 162 HOH B O     1 
HETATM 512 O O     . HOH D 2 .  ? -7.930  -3.721  -4.298  0.50 42.15 ? 170 HOH B O     1 
HETATM 513 O O     . HOH D 2 .  ? -8.140  -5.370  -1.882  0.50 44.99 ? 171 HOH B O     1 
HETATM 514 O O     . HOH D 2 .  ? -9.801  -7.117  -0.016  0.50 48.62 ? 172 HOH B O     1 
HETATM 515 O O     . HOH D 2 .  ? 13.784  -7.100  -1.956  0.50 34.31 ? 174 HOH B O     1 
HETATM 516 O O     . HOH D 2 .  ? -9.602  3.485   -16.196 1.00 59.28 ? 176 HOH B O     1 
HETATM 517 O O     . HOH D 2 .  ? -6.615  5.107   3.513   0.50 38.07 ? 181 HOH B O     1 
HETATM 518 O O     A HOH D 2 .  ? -9.396  7.024   -0.101  0.50 36.02 ? 182 HOH B O     1 
HETATM 519 O O     B HOH D 2 .  ? -9.467  7.236   -2.043  0.50 40.04 ? 182 HOH B O     1 
HETATM 520 O O     . HOH D 2 .  ? 7.340   3.170   3.775   0.50 40.56 ? 185 HOH B O     1 
HETATM 521 O O     . HOH D 2 .  ? -12.704 2.274   3.705   1.00 44.66 ? 188 HOH B O     1 
HETATM 522 O O     . HOH D 2 .  ? -13.339 0.058   4.630   0.50 30.65 ? 189 HOH B O     1 
HETATM 523 O O     . HOH D 2 .  ? -12.866 3.959   5.646   0.50 36.33 ? 190 HOH B O     1 
HETATM 524 O O     . HOH D 2 .  ? 7.456   -4.468  0.208   0.50 32.42 ? 192 HOH B O     1 
HETATM 525 O O     . HOH D 2 .  ? 1.863   -11.798 7.099   0.50 42.15 ? 193 HOH B O     1 
HETATM 526 O O     . HOH D 2 .  ? -11.210 3.625   -14.425 0.50 46.27 ? 194 HOH B O     1 
HETATM 527 O O     . HOH D 2 .  ? -14.994 2.573   1.657   0.50 45.29 ? 198 HOH B O     1 
HETATM 528 O O     . HOH D 2 .  ? -12.836 -0.097  -13.544 0.50 49.09 ? 203 HOH B O     1 
HETATM 529 O O     . HOH D 2 .  ? -0.413  -6.209  2.617   0.50 35.50 ? 206 HOH B O     1 
HETATM 530 O O     . HOH D 2 .  ? -11.419 -5.169  -12.877 0.50 40.42 ? 208 HOH B O     1 
# 
